data_2DQ5
#
_entry.id   2DQ5
#
loop_
_entity.id
_entity.type
_entity.pdbx_description
1 polymer Midline-1
2 non-polymer 'ZINC ION'
#
_entity_poly.entity_id   1
_entity_poly.type   'polypeptide(L)'
_entity_poly.pdbx_seq_one_letter_code
;SHIRGLMCLEHEDEKVNMYCVTDDQLICALCKLVGRHRDHQVAALSE
;
_entity_poly.pdbx_strand_id   A
#
# COMPACT_ATOMS: atom_id res chain seq x y z
N SER A 1 20.13 9.33 -9.42
CA SER A 1 19.53 9.94 -8.24
C SER A 1 18.09 9.47 -8.06
N HIS A 2 17.75 9.09 -6.84
CA HIS A 2 16.40 8.61 -6.53
C HIS A 2 16.19 8.52 -5.03
N ILE A 3 16.20 9.67 -4.35
CA ILE A 3 16.01 9.72 -2.91
C ILE A 3 14.62 10.22 -2.56
N ARG A 4 13.63 9.83 -3.36
CA ARG A 4 12.25 10.24 -3.11
C ARG A 4 11.29 9.09 -3.41
N GLY A 5 10.18 9.07 -2.68
CA GLY A 5 9.19 8.02 -2.88
C GLY A 5 8.39 7.74 -1.63
N LEU A 6 7.24 7.10 -1.79
CA LEU A 6 6.37 6.77 -0.66
C LEU A 6 6.19 5.26 -0.53
N MET A 7 7.30 4.53 -0.41
CA MET A 7 7.27 3.09 -0.27
C MET A 7 6.70 2.68 1.09
N CYS A 8 6.75 1.38 1.37
CA CYS A 8 6.24 0.88 2.63
C CYS A 8 7.25 1.23 3.73
N LEU A 9 6.77 1.20 4.97
CA LEU A 9 7.61 1.50 6.12
C LEU A 9 8.57 0.36 6.41
N GLU A 10 8.04 -0.87 6.45
CA GLU A 10 8.85 -2.04 6.71
C GLU A 10 9.52 -2.55 5.43
N HIS A 11 8.81 -2.43 4.32
CA HIS A 11 9.34 -2.87 3.03
C HIS A 11 10.00 -1.71 2.29
N GLU A 12 11.33 -1.71 2.28
CA GLU A 12 12.08 -0.65 1.59
C GLU A 12 12.22 -0.96 0.11
N ASP A 13 12.30 -2.23 -0.23
CA ASP A 13 12.43 -2.65 -1.62
C ASP A 13 11.07 -2.98 -2.21
N GLU A 14 10.05 -2.24 -1.79
CA GLU A 14 8.70 -2.47 -2.29
C GLU A 14 7.85 -1.20 -2.16
N LYS A 15 7.47 -0.62 -3.29
CA LYS A 15 6.67 0.60 -3.30
C LYS A 15 5.21 0.28 -2.97
N VAL A 16 4.51 1.26 -2.42
CA VAL A 16 3.10 1.09 -2.06
C VAL A 16 2.29 0.60 -3.26
N ASN A 17 1.02 0.30 -3.02
CA ASN A 17 0.13 -0.17 -4.07
C ASN A 17 -1.20 0.57 -4.04
N MET A 18 -1.72 0.81 -2.84
CA MET A 18 -2.97 1.52 -2.68
C MET A 18 -3.15 2.00 -1.24
N TYR A 19 -4.35 2.48 -0.93
CA TYR A 19 -4.65 2.98 0.41
C TYR A 19 -5.77 2.18 1.05
N CYS A 20 -5.51 1.62 2.21
CA CYS A 20 -6.50 0.83 2.92
C CYS A 20 -7.44 1.79 3.64
N VAL A 21 -8.66 1.89 3.13
CA VAL A 21 -9.67 2.77 3.71
C VAL A 21 -10.22 2.18 5.02
N THR A 22 -10.16 0.86 5.15
CA THR A 22 -10.64 0.18 6.34
C THR A 22 -9.87 0.62 7.57
N ASP A 23 -8.55 0.45 7.52
CA ASP A 23 -7.69 0.82 8.64
C ASP A 23 -7.22 2.27 8.50
N ASP A 24 -7.43 2.85 7.32
CA ASP A 24 -7.03 4.22 7.06
C ASP A 24 -5.52 4.37 7.12
N GLN A 25 -4.81 3.62 6.29
CA GLN A 25 -3.36 3.66 6.25
C GLN A 25 -2.82 3.06 4.96
N LEU A 26 -2.02 3.83 4.24
CA LEU A 26 -1.45 3.37 2.98
C LEU A 26 -0.73 2.04 3.17
N ILE A 27 -0.71 1.23 2.12
CA ILE A 27 -0.06 -0.07 2.16
C ILE A 27 0.51 -0.45 0.80
N CYS A 28 1.12 -1.63 0.72
CA CYS A 28 1.70 -2.10 -0.52
C CYS A 28 1.10 -3.46 -0.85
N ALA A 29 1.62 -4.06 -1.92
CA ALA A 29 1.16 -5.37 -2.35
C ALA A 29 1.68 -6.47 -1.43
N LEU A 30 2.90 -6.30 -0.92
CA LEU A 30 3.50 -7.26 -0.02
C LEU A 30 2.71 -7.36 1.29
N CYS A 31 2.00 -6.28 1.62
CA CYS A 31 1.21 -6.26 2.84
C CYS A 31 -0.10 -6.99 2.57
N LYS A 32 -0.60 -6.85 1.36
CA LYS A 32 -1.84 -7.48 0.94
C LYS A 32 -1.63 -8.97 0.67
N LEU A 33 -0.37 -9.37 0.54
CA LEU A 33 -0.03 -10.77 0.28
C LEU A 33 0.53 -11.43 1.52
N VAL A 34 1.44 -10.73 2.20
CA VAL A 34 2.04 -11.26 3.43
C VAL A 34 1.23 -10.87 4.65
N GLY A 35 0.78 -9.63 4.70
CA GLY A 35 0.00 -9.15 5.82
C GLY A 35 -1.43 -9.69 5.80
N ARG A 36 -2.38 -8.85 6.20
CA ARG A 36 -3.78 -9.24 6.24
C ARG A 36 -4.65 -8.21 5.51
N HIS A 37 -4.03 -7.46 4.60
CA HIS A 37 -4.74 -6.44 3.84
C HIS A 37 -5.21 -6.99 2.49
N ARG A 38 -5.63 -8.25 2.48
CA ARG A 38 -6.08 -8.89 1.26
C ARG A 38 -7.59 -8.80 1.13
N ASP A 39 -8.28 -8.82 2.27
CA ASP A 39 -9.74 -8.73 2.28
C ASP A 39 -10.20 -7.35 2.73
N HIS A 40 -9.24 -6.44 2.89
CA HIS A 40 -9.54 -5.07 3.31
C HIS A 40 -10.07 -4.24 2.14
N GLN A 41 -10.47 -3.01 2.44
CA GLN A 41 -10.99 -2.11 1.41
C GLN A 41 -9.92 -1.13 0.95
N VAL A 42 -9.93 -0.80 -0.33
CA VAL A 42 -8.96 0.13 -0.89
C VAL A 42 -9.58 0.96 -2.01
N ALA A 43 -8.76 1.79 -2.65
CA ALA A 43 -9.23 2.64 -3.74
C ALA A 43 -8.24 2.65 -4.90
N ALA A 44 -8.63 2.03 -6.01
CA ALA A 44 -7.77 1.99 -7.19
C ALA A 44 -8.09 3.11 -8.16
N LEU A 45 -7.05 3.72 -8.72
CA LEU A 45 -7.22 4.82 -9.66
C LEU A 45 -7.89 6.02 -9.00
N SER A 46 -7.10 7.05 -8.71
CA SER A 46 -7.62 8.25 -8.07
C SER A 46 -8.76 8.85 -8.88
N GLU A 47 -9.96 8.85 -8.30
CA GLU A 47 -11.13 9.39 -8.96
C GLU A 47 -10.94 10.88 -9.26
N SER A 1 17.25 14.65 -1.18
CA SER A 1 16.14 14.13 -0.40
C SER A 1 14.80 14.56 -0.98
N HIS A 2 14.77 14.75 -2.30
CA HIS A 2 13.55 15.16 -2.98
C HIS A 2 13.08 14.09 -3.96
N ILE A 3 13.32 12.83 -3.61
CA ILE A 3 12.91 11.72 -4.45
C ILE A 3 11.41 11.44 -4.34
N ARG A 4 10.85 11.77 -3.18
CA ARG A 4 9.42 11.56 -2.95
C ARG A 4 9.05 10.10 -3.13
N GLY A 5 9.92 9.20 -2.67
CA GLY A 5 9.67 7.79 -2.81
C GLY A 5 8.39 7.35 -2.11
N LEU A 6 7.53 6.64 -2.83
CA LEU A 6 6.27 6.17 -2.27
C LEU A 6 6.30 4.66 -2.02
N MET A 7 7.02 4.25 -0.99
CA MET A 7 7.13 2.84 -0.65
C MET A 7 6.37 2.53 0.64
N CYS A 8 6.57 1.32 1.16
CA CYS A 8 5.91 0.92 2.38
C CYS A 8 6.73 1.44 3.57
N LEU A 9 6.09 1.50 4.73
CA LEU A 9 6.73 1.97 5.95
C LEU A 9 7.81 1.00 6.39
N GLU A 10 7.44 -0.27 6.53
CA GLU A 10 8.38 -1.30 6.96
C GLU A 10 9.17 -1.84 5.77
N HIS A 11 8.51 -1.95 4.63
CA HIS A 11 9.14 -2.46 3.42
C HIS A 11 9.74 -1.32 2.60
N GLU A 12 11.00 -0.99 2.87
CA GLU A 12 11.68 0.08 2.16
C GLU A 12 12.30 -0.44 0.86
N ASP A 13 12.05 -1.70 0.55
CA ASP A 13 12.58 -2.31 -0.66
C ASP A 13 11.46 -2.80 -1.57
N GLU A 14 10.36 -2.05 -1.58
CA GLU A 14 9.20 -2.41 -2.40
C GLU A 14 8.49 -1.16 -2.91
N LYS A 15 7.32 -1.35 -3.50
CA LYS A 15 6.53 -0.23 -4.03
C LYS A 15 5.07 -0.37 -3.64
N VAL A 16 4.52 0.67 -3.03
CA VAL A 16 3.12 0.67 -2.61
C VAL A 16 2.21 0.28 -3.76
N ASN A 17 0.94 -0.01 -3.45
CA ASN A 17 -0.03 -0.39 -4.46
C ASN A 17 -1.33 0.38 -4.28
N MET A 18 -1.86 0.37 -3.05
CA MET A 18 -3.10 1.07 -2.75
C MET A 18 -3.11 1.55 -1.30
N TYR A 19 -4.26 2.06 -0.86
CA TYR A 19 -4.39 2.57 0.51
C TYR A 19 -5.59 1.94 1.20
N CYS A 20 -5.37 1.43 2.41
CA CYS A 20 -6.44 0.80 3.17
C CYS A 20 -7.23 1.90 3.89
N VAL A 21 -8.41 2.19 3.35
CA VAL A 21 -9.28 3.21 3.92
C VAL A 21 -9.92 2.72 5.22
N THR A 22 -10.08 1.41 5.35
CA THR A 22 -10.67 0.82 6.53
C THR A 22 -9.82 1.08 7.77
N ASP A 23 -8.55 0.69 7.70
CA ASP A 23 -7.63 0.90 8.81
C ASP A 23 -6.94 2.25 8.71
N ASP A 24 -7.10 2.91 7.57
CA ASP A 24 -6.49 4.21 7.35
C ASP A 24 -4.97 4.13 7.35
N GLN A 25 -4.43 3.31 6.45
CA GLN A 25 -2.99 3.13 6.35
C GLN A 25 -2.60 2.54 4.99
N LEU A 26 -1.67 3.20 4.31
CA LEU A 26 -1.22 2.74 3.01
C LEU A 26 -0.80 1.27 3.06
N ILE A 27 -0.92 0.59 1.93
CA ILE A 27 -0.55 -0.82 1.84
C ILE A 27 0.06 -1.15 0.49
N CYS A 28 1.05 -2.02 0.49
CA CYS A 28 1.71 -2.42 -0.74
C CYS A 28 1.23 -3.82 -1.13
N ALA A 29 1.82 -4.35 -2.18
CA ALA A 29 1.47 -5.68 -2.68
C ALA A 29 1.92 -6.76 -1.69
N LEU A 30 3.10 -6.57 -1.10
CA LEU A 30 3.63 -7.52 -0.14
C LEU A 30 2.81 -7.54 1.14
N CYS A 31 2.03 -6.48 1.35
CA CYS A 31 1.19 -6.38 2.53
C CYS A 31 -0.07 -7.21 2.30
N LYS A 32 -0.51 -7.23 1.04
CA LYS A 32 -1.70 -7.97 0.66
C LYS A 32 -1.40 -9.46 0.55
N LEU A 33 -0.12 -9.80 0.50
CA LEU A 33 0.30 -11.19 0.40
C LEU A 33 0.84 -11.69 1.74
N VAL A 34 1.68 -10.87 2.37
CA VAL A 34 2.27 -11.23 3.66
C VAL A 34 1.40 -10.77 4.81
N GLY A 35 0.87 -9.55 4.69
CA GLY A 35 0.02 -9.01 5.74
C GLY A 35 -1.38 -9.56 5.69
N ARG A 36 -2.36 -8.73 6.05
CA ARG A 36 -3.75 -9.15 6.05
C ARG A 36 -4.64 -8.10 5.41
N HIS A 37 -4.05 -7.28 4.55
CA HIS A 37 -4.78 -6.21 3.86
C HIS A 37 -5.23 -6.67 2.49
N ARG A 38 -5.65 -7.94 2.38
CA ARG A 38 -6.10 -8.49 1.12
C ARG A 38 -7.62 -8.39 0.99
N ASP A 39 -8.32 -8.77 2.04
CA ASP A 39 -9.78 -8.72 2.04
C ASP A 39 -10.28 -7.38 2.58
N HIS A 40 -9.34 -6.46 2.81
CA HIS A 40 -9.68 -5.14 3.34
C HIS A 40 -10.19 -4.24 2.22
N GLN A 41 -10.62 -3.04 2.59
CA GLN A 41 -11.15 -2.08 1.63
C GLN A 41 -10.05 -1.13 1.16
N VAL A 42 -10.09 -0.76 -0.11
CA VAL A 42 -9.10 0.15 -0.68
C VAL A 42 -9.69 0.98 -1.82
N ALA A 43 -8.86 1.78 -2.46
CA ALA A 43 -9.31 2.61 -3.57
C ALA A 43 -8.27 2.63 -4.70
N ALA A 44 -8.47 3.52 -5.67
CA ALA A 44 -7.56 3.63 -6.80
C ALA A 44 -7.13 5.08 -7.00
N LEU A 45 -6.11 5.27 -7.84
CA LEU A 45 -5.60 6.61 -8.13
C LEU A 45 -4.85 6.63 -9.45
N SER A 46 -4.63 7.83 -9.99
CA SER A 46 -3.93 7.99 -11.24
C SER A 46 -4.70 7.34 -12.39
N GLU A 47 -4.08 7.28 -13.56
CA GLU A 47 -4.71 6.68 -14.73
C GLU A 47 -4.63 5.15 -14.68
N SER A 1 11.95 19.44 -10.32
CA SER A 1 12.04 18.35 -11.29
C SER A 1 12.11 17.00 -10.59
N HIS A 2 13.13 16.82 -9.76
CA HIS A 2 13.32 15.58 -9.03
C HIS A 2 12.08 15.25 -8.20
N ILE A 3 11.60 14.01 -8.34
CA ILE A 3 10.43 13.57 -7.60
C ILE A 3 10.58 12.13 -7.13
N ARG A 4 10.02 11.82 -5.97
CA ARG A 4 10.09 10.48 -5.42
C ARG A 4 8.70 9.98 -5.00
N GLY A 5 8.62 8.70 -4.64
CA GLY A 5 7.36 8.13 -4.23
C GLY A 5 7.32 7.78 -2.76
N LEU A 6 6.32 7.01 -2.35
CA LEU A 6 6.18 6.60 -0.96
C LEU A 6 6.04 5.08 -0.84
N MET A 7 7.11 4.43 -0.40
CA MET A 7 7.10 2.98 -0.25
C MET A 7 6.58 2.58 1.13
N CYS A 8 6.64 1.30 1.43
CA CYS A 8 6.17 0.81 2.71
C CYS A 8 7.17 1.24 3.79
N LEU A 9 6.73 1.17 5.04
CA LEU A 9 7.56 1.55 6.17
C LEU A 9 8.66 0.52 6.40
N GLU A 10 8.26 -0.75 6.51
CA GLU A 10 9.21 -1.83 6.74
C GLU A 10 9.83 -2.30 5.43
N HIS A 11 9.00 -2.32 4.37
CA HIS A 11 9.46 -2.75 3.06
C HIS A 11 10.04 -1.58 2.27
N GLU A 12 11.34 -1.36 2.39
CA GLU A 12 12.01 -0.27 1.68
C GLU A 12 12.20 -0.62 0.22
N ASP A 13 12.28 -1.91 -0.08
CA ASP A 13 12.46 -2.37 -1.46
C ASP A 13 11.14 -2.77 -2.09
N GLU A 14 10.08 -2.06 -1.71
CA GLU A 14 8.74 -2.34 -2.24
C GLU A 14 7.85 -1.11 -2.15
N LYS A 15 7.48 -0.56 -3.31
CA LYS A 15 6.62 0.61 -3.36
C LYS A 15 5.18 0.26 -3.02
N VAL A 16 4.46 1.21 -2.44
CA VAL A 16 3.07 1.00 -2.07
C VAL A 16 2.25 0.50 -3.26
N ASN A 17 0.99 0.18 -3.00
CA ASN A 17 0.10 -0.30 -4.05
C ASN A 17 -1.23 0.45 -4.03
N MET A 18 -1.73 0.72 -2.83
CA MET A 18 -2.99 1.44 -2.68
C MET A 18 -3.16 1.95 -1.25
N TYR A 19 -4.34 2.45 -0.93
CA TYR A 19 -4.62 2.97 0.40
C TYR A 19 -5.71 2.15 1.09
N CYS A 20 -5.40 1.65 2.27
CA CYS A 20 -6.36 0.86 3.03
C CYS A 20 -7.31 1.81 3.74
N VAL A 21 -8.54 1.86 3.26
CA VAL A 21 -9.57 2.72 3.83
C VAL A 21 -10.08 2.15 5.15
N THR A 22 -10.02 0.83 5.29
CA THR A 22 -10.48 0.16 6.50
C THR A 22 -9.68 0.62 7.71
N ASP A 23 -8.36 0.47 7.64
CA ASP A 23 -7.49 0.87 8.73
C ASP A 23 -7.04 2.32 8.57
N ASP A 24 -7.28 2.88 7.38
CA ASP A 24 -6.91 4.26 7.10
C ASP A 24 -5.40 4.43 7.14
N GLN A 25 -4.70 3.64 6.33
CA GLN A 25 -3.24 3.71 6.28
C GLN A 25 -2.72 3.08 4.99
N LEU A 26 -1.96 3.85 4.22
CA LEU A 26 -1.40 3.37 2.96
C LEU A 26 -0.67 2.05 3.16
N ILE A 27 -0.69 1.21 2.13
CA ILE A 27 -0.03 -0.09 2.19
C ILE A 27 0.52 -0.49 0.83
N CYS A 28 1.13 -1.67 0.77
CA CYS A 28 1.69 -2.16 -0.48
C CYS A 28 1.09 -3.53 -0.77
N ALA A 29 1.59 -4.15 -1.84
CA ALA A 29 1.12 -5.46 -2.25
C ALA A 29 1.66 -6.55 -1.32
N LEU A 30 2.89 -6.37 -0.86
CA LEU A 30 3.53 -7.33 0.03
C LEU A 30 2.74 -7.47 1.33
N CYS A 31 2.03 -6.42 1.70
CA CYS A 31 1.23 -6.44 2.91
C CYS A 31 -0.09 -7.15 2.61
N LYS A 32 -0.57 -6.95 1.39
CA LYS A 32 -1.82 -7.55 0.95
C LYS A 32 -1.61 -9.02 0.60
N LEU A 33 -0.36 -9.43 0.46
CA LEU A 33 -0.03 -10.81 0.13
C LEU A 33 0.52 -11.54 1.35
N VAL A 34 1.43 -10.88 2.06
CA VAL A 34 2.03 -11.47 3.25
C VAL A 34 1.22 -11.15 4.50
N GLY A 35 0.77 -9.89 4.60
CA GLY A 35 -0.02 -9.47 5.75
C GLY A 35 -1.44 -9.98 5.68
N ARG A 36 -2.38 -9.16 6.14
CA ARG A 36 -3.79 -9.53 6.14
C ARG A 36 -4.64 -8.44 5.50
N HIS A 37 -4.02 -7.64 4.63
CA HIS A 37 -4.72 -6.55 3.95
C HIS A 37 -5.27 -7.04 2.61
N ARG A 38 -5.87 -8.22 2.60
CA ARG A 38 -6.44 -8.78 1.38
C ARG A 38 -7.92 -8.42 1.25
N ASP A 39 -8.66 -8.60 2.34
CA ASP A 39 -10.09 -8.29 2.35
C ASP A 39 -10.33 -6.83 2.73
N HIS A 40 -9.24 -6.07 2.83
CA HIS A 40 -9.33 -4.66 3.19
C HIS A 40 -9.67 -3.82 1.96
N GLN A 41 -10.79 -3.10 2.03
CA GLN A 41 -11.23 -2.26 0.92
C GLN A 41 -10.18 -1.19 0.61
N VAL A 42 -10.02 -0.86 -0.67
CA VAL A 42 -9.06 0.14 -1.09
C VAL A 42 -9.62 1.00 -2.22
N ALA A 43 -8.79 1.87 -2.78
CA ALA A 43 -9.20 2.74 -3.86
C ALA A 43 -8.28 2.58 -5.07
N ALA A 44 -8.80 1.97 -6.13
CA ALA A 44 -8.03 1.76 -7.35
C ALA A 44 -8.06 2.99 -8.24
N LEU A 45 -6.88 3.50 -8.59
CA LEU A 45 -6.77 4.68 -9.43
C LEU A 45 -5.86 4.40 -10.64
N SER A 46 -6.25 4.93 -11.79
CA SER A 46 -5.46 4.74 -13.01
C SER A 46 -5.72 5.87 -14.01
N GLU A 47 -4.65 6.58 -14.37
CA GLU A 47 -4.76 7.69 -15.30
C GLU A 47 -3.72 7.57 -16.42
N SER A 1 8.94 16.94 -15.07
CA SER A 1 8.02 16.05 -14.37
C SER A 1 8.59 15.63 -13.02
N HIS A 2 8.36 16.47 -12.01
CA HIS A 2 8.85 16.19 -10.66
C HIS A 2 7.86 15.32 -9.89
N ILE A 3 8.23 14.06 -9.66
CA ILE A 3 7.37 13.15 -8.94
C ILE A 3 8.20 12.13 -8.16
N ARG A 4 7.73 11.77 -6.96
CA ARG A 4 8.42 10.81 -6.11
C ARG A 4 7.48 9.69 -5.70
N GLY A 5 8.02 8.48 -5.60
CA GLY A 5 7.22 7.33 -5.21
C GLY A 5 7.50 6.89 -3.79
N LEU A 6 6.46 6.87 -2.96
CA LEU A 6 6.58 6.47 -1.56
C LEU A 6 6.45 4.97 -1.42
N MET A 7 7.28 4.38 -0.55
CA MET A 7 7.24 2.94 -0.31
C MET A 7 6.69 2.63 1.08
N CYS A 8 6.52 1.34 1.36
CA CYS A 8 6.00 0.93 2.66
C CYS A 8 6.94 1.44 3.75
N LEU A 9 6.44 1.42 4.98
CA LEU A 9 7.22 1.89 6.12
C LEU A 9 8.32 0.88 6.48
N GLU A 10 7.94 -0.38 6.65
CA GLU A 10 8.89 -1.42 6.99
C GLU A 10 9.56 -1.97 5.73
N HIS A 11 8.79 -2.08 4.66
CA HIS A 11 9.31 -2.59 3.39
C HIS A 11 9.91 -1.46 2.55
N GLU A 12 11.21 -1.59 2.25
CA GLU A 12 11.90 -0.59 1.46
C GLU A 12 12.00 -1.00 0.00
N ASP A 13 12.08 -2.31 -0.23
CA ASP A 13 12.17 -2.84 -1.59
C ASP A 13 10.79 -3.26 -2.10
N GLU A 14 9.77 -2.51 -1.70
CA GLU A 14 8.41 -2.80 -2.13
C GLU A 14 7.55 -1.53 -2.12
N LYS A 15 7.52 -0.83 -3.25
CA LYS A 15 6.75 0.40 -3.37
C LYS A 15 5.28 0.14 -3.06
N VAL A 16 4.62 1.15 -2.48
CA VAL A 16 3.21 1.03 -2.14
C VAL A 16 2.38 0.56 -3.33
N ASN A 17 1.12 0.25 -3.08
CA ASN A 17 0.23 -0.21 -4.14
C ASN A 17 -1.11 0.53 -4.08
N MET A 18 -1.60 0.78 -2.87
CA MET A 18 -2.86 1.47 -2.69
C MET A 18 -3.01 1.97 -1.25
N TYR A 19 -4.20 2.44 -0.91
CA TYR A 19 -4.47 2.94 0.44
C TYR A 19 -5.64 2.20 1.07
N CYS A 20 -5.40 1.63 2.24
CA CYS A 20 -6.44 0.90 2.95
C CYS A 20 -7.29 1.91 3.73
N VAL A 21 -8.52 2.08 3.28
CA VAL A 21 -9.45 3.00 3.91
C VAL A 21 -10.00 2.41 5.21
N THR A 22 -10.30 1.12 5.19
CA THR A 22 -10.84 0.44 6.36
C THR A 22 -9.97 0.69 7.58
N ASP A 23 -8.66 0.59 7.40
CA ASP A 23 -7.71 0.79 8.49
C ASP A 23 -7.15 2.22 8.45
N ASP A 24 -7.32 2.88 7.32
CA ASP A 24 -6.83 4.26 7.16
C ASP A 24 -5.32 4.31 7.25
N GLN A 25 -4.65 3.56 6.38
CA GLN A 25 -3.19 3.52 6.36
C GLN A 25 -2.68 2.93 5.05
N LEU A 26 -1.88 3.71 4.33
CA LEU A 26 -1.31 3.28 3.06
C LEU A 26 -0.65 1.90 3.20
N ILE A 27 -0.68 1.13 2.12
CA ILE A 27 -0.08 -0.20 2.12
C ILE A 27 0.53 -0.52 0.77
N CYS A 28 1.10 -1.72 0.66
CA CYS A 28 1.71 -2.14 -0.59
C CYS A 28 1.14 -3.50 -0.98
N ALA A 29 1.69 -4.06 -2.05
CA ALA A 29 1.24 -5.35 -2.55
C ALA A 29 1.72 -6.48 -1.63
N LEU A 30 2.91 -6.30 -1.06
CA LEU A 30 3.48 -7.31 -0.16
C LEU A 30 2.71 -7.37 1.15
N CYS A 31 1.97 -6.30 1.45
CA CYS A 31 1.19 -6.25 2.67
C CYS A 31 -0.12 -7.01 2.44
N LYS A 32 -0.62 -6.90 1.22
CA LYS A 32 -1.86 -7.55 0.84
C LYS A 32 -1.63 -9.04 0.58
N LEU A 33 -0.37 -9.42 0.45
CA LEU A 33 0.00 -10.82 0.21
C LEU A 33 0.58 -11.45 1.47
N VAL A 34 1.47 -10.73 2.14
CA VAL A 34 2.10 -11.23 3.36
C VAL A 34 1.28 -10.83 4.59
N GLY A 35 0.82 -9.59 4.61
CA GLY A 35 0.03 -9.11 5.73
C GLY A 35 -1.38 -9.67 5.74
N ARG A 36 -2.34 -8.84 6.12
CA ARG A 36 -3.73 -9.25 6.17
C ARG A 36 -4.63 -8.26 5.42
N HIS A 37 -4.03 -7.53 4.48
CA HIS A 37 -4.77 -6.55 3.70
C HIS A 37 -5.25 -7.15 2.38
N ARG A 38 -5.67 -8.41 2.44
CA ARG A 38 -6.15 -9.11 1.24
C ARG A 38 -7.67 -9.00 1.13
N ASP A 39 -8.34 -8.99 2.27
CA ASP A 39 -9.80 -8.90 2.31
C ASP A 39 -10.24 -7.50 2.73
N HIS A 40 -9.28 -6.59 2.85
CA HIS A 40 -9.56 -5.21 3.25
C HIS A 40 -10.09 -4.40 2.07
N GLN A 41 -10.31 -3.12 2.29
CA GLN A 41 -10.81 -2.23 1.25
C GLN A 41 -9.80 -1.15 0.92
N VAL A 42 -9.72 -0.77 -0.36
CA VAL A 42 -8.78 0.25 -0.81
C VAL A 42 -9.40 1.11 -1.91
N ALA A 43 -8.61 2.03 -2.44
CA ALA A 43 -9.08 2.91 -3.51
C ALA A 43 -8.21 2.77 -4.76
N ALA A 44 -8.75 2.10 -5.76
CA ALA A 44 -8.03 1.88 -7.02
C ALA A 44 -8.35 2.98 -8.03
N LEU A 45 -7.77 2.88 -9.21
CA LEU A 45 -7.98 3.86 -10.27
C LEU A 45 -8.24 3.19 -11.60
N SER A 46 -8.63 3.98 -12.60
CA SER A 46 -8.91 3.46 -13.93
C SER A 46 -7.77 3.78 -14.90
N GLU A 47 -7.96 3.44 -16.16
CA GLU A 47 -6.96 3.70 -17.19
C GLU A 47 -7.36 4.88 -18.06
N SER A 1 21.27 4.88 -3.42
CA SER A 1 19.81 4.92 -3.54
C SER A 1 19.28 6.31 -3.28
N HIS A 2 19.19 7.11 -4.33
CA HIS A 2 18.69 8.48 -4.22
C HIS A 2 17.45 8.68 -5.09
N ILE A 3 16.44 7.84 -4.88
CA ILE A 3 15.20 7.93 -5.64
C ILE A 3 14.05 8.40 -4.76
N ARG A 4 13.77 7.64 -3.71
CA ARG A 4 12.68 7.98 -2.79
C ARG A 4 11.34 7.97 -3.50
N GLY A 5 10.28 8.26 -2.76
CA GLY A 5 8.95 8.28 -3.33
C GLY A 5 7.89 7.78 -2.37
N LEU A 6 7.07 6.83 -2.81
CA LEU A 6 6.01 6.29 -1.98
C LEU A 6 6.20 4.78 -1.79
N MET A 7 6.92 4.41 -0.74
CA MET A 7 7.18 3.00 -0.44
C MET A 7 6.45 2.58 0.83
N CYS A 8 6.75 1.39 1.32
CA CYS A 8 6.12 0.88 2.52
C CYS A 8 7.00 1.24 3.71
N LEU A 9 6.41 1.15 4.90
CA LEU A 9 7.12 1.45 6.14
C LEU A 9 8.18 0.39 6.43
N GLU A 10 7.75 -0.87 6.43
CA GLU A 10 8.67 -1.98 6.70
C GLU A 10 9.39 -2.40 5.42
N HIS A 11 8.68 -2.35 4.30
CA HIS A 11 9.26 -2.73 3.02
C HIS A 11 9.91 -1.53 2.33
N GLU A 12 11.18 -1.30 2.64
CA GLU A 12 11.91 -0.18 2.05
C GLU A 12 12.35 -0.50 0.63
N ASP A 13 12.47 -1.79 0.32
CA ASP A 13 12.87 -2.23 -1.01
C ASP A 13 11.65 -2.54 -1.88
N GLU A 14 10.58 -1.78 -1.67
CA GLU A 14 9.35 -1.99 -2.43
C GLU A 14 8.56 -0.68 -2.55
N LYS A 15 7.50 -0.71 -3.35
CA LYS A 15 6.66 0.47 -3.55
C LYS A 15 5.20 0.16 -3.24
N VAL A 16 4.52 1.09 -2.59
CA VAL A 16 3.12 0.91 -2.24
C VAL A 16 2.31 0.50 -3.47
N ASN A 17 1.06 0.10 -3.24
CA ASN A 17 0.18 -0.32 -4.32
C ASN A 17 -1.18 0.39 -4.21
N MET A 18 -1.71 0.47 -3.00
CA MET A 18 -2.99 1.12 -2.77
C MET A 18 -3.09 1.63 -1.33
N TYR A 19 -4.27 2.11 -0.96
CA TYR A 19 -4.49 2.63 0.39
C TYR A 19 -5.65 1.92 1.06
N CYS A 20 -5.40 1.41 2.27
CA CYS A 20 -6.44 0.72 3.01
C CYS A 20 -7.32 1.74 3.70
N VAL A 21 -8.53 1.90 3.17
CA VAL A 21 -9.50 2.84 3.73
C VAL A 21 -10.07 2.34 5.04
N THR A 22 -10.09 1.02 5.21
CA THR A 22 -10.63 0.41 6.41
C THR A 22 -9.83 0.82 7.64
N ASP A 23 -8.51 0.57 7.60
CA ASP A 23 -7.63 0.94 8.70
C ASP A 23 -7.08 2.34 8.52
N ASP A 24 -7.25 2.90 7.33
CA ASP A 24 -6.77 4.24 7.04
C ASP A 24 -5.25 4.30 7.10
N GLN A 25 -4.60 3.48 6.29
CA GLN A 25 -3.13 3.43 6.26
C GLN A 25 -2.64 2.83 4.94
N LEU A 26 -1.89 3.62 4.18
CA LEU A 26 -1.35 3.18 2.90
C LEU A 26 -0.64 1.84 3.07
N ILE A 27 -0.67 1.03 2.02
CA ILE A 27 -0.01 -0.27 2.03
C ILE A 27 0.52 -0.64 0.65
N CYS A 28 1.12 -1.82 0.55
CA CYS A 28 1.67 -2.28 -0.71
C CYS A 28 1.04 -3.64 -1.04
N ALA A 29 1.51 -4.22 -2.14
CA ALA A 29 1.02 -5.52 -2.58
C ALA A 29 1.51 -6.64 -1.66
N LEU A 30 2.72 -6.48 -1.14
CA LEU A 30 3.30 -7.48 -0.24
C LEU A 30 2.58 -7.50 1.10
N CYS A 31 1.88 -6.41 1.40
CA CYS A 31 1.15 -6.31 2.65
C CYS A 31 -0.18 -7.05 2.49
N LYS A 32 -0.73 -6.95 1.28
CA LYS A 32 -2.00 -7.60 0.97
C LYS A 32 -1.80 -9.10 0.72
N LEU A 33 -0.55 -9.50 0.54
CA LEU A 33 -0.23 -10.90 0.32
C LEU A 33 0.39 -11.53 1.56
N VAL A 34 1.32 -10.81 2.18
CA VAL A 34 1.97 -11.30 3.39
C VAL A 34 1.21 -10.88 4.64
N GLY A 35 0.76 -9.63 4.66
CA GLY A 35 0.02 -9.13 5.80
C GLY A 35 -1.40 -9.65 5.85
N ARG A 36 -2.33 -8.78 6.23
CA ARG A 36 -3.74 -9.15 6.31
C ARG A 36 -4.63 -8.11 5.64
N HIS A 37 -4.03 -7.35 4.73
CA HIS A 37 -4.77 -6.30 4.02
C HIS A 37 -5.24 -6.82 2.65
N ARG A 38 -5.66 -8.07 2.62
CA ARG A 38 -6.14 -8.68 1.37
C ARG A 38 -7.65 -8.55 1.26
N ASP A 39 -8.36 -8.83 2.35
CA ASP A 39 -9.81 -8.75 2.37
C ASP A 39 -10.27 -7.38 2.87
N HIS A 40 -9.32 -6.46 3.03
CA HIS A 40 -9.63 -5.11 3.49
C HIS A 40 -10.15 -4.26 2.34
N GLN A 41 -10.57 -3.03 2.67
CA GLN A 41 -11.09 -2.11 1.66
C GLN A 41 -9.98 -1.21 1.12
N VAL A 42 -10.05 -0.90 -0.17
CA VAL A 42 -9.05 -0.05 -0.80
C VAL A 42 -9.66 0.74 -1.96
N ALA A 43 -8.81 1.48 -2.68
CA ALA A 43 -9.27 2.26 -3.82
C ALA A 43 -8.26 2.21 -4.95
N ALA A 44 -8.45 3.05 -5.96
CA ALA A 44 -7.56 3.10 -7.11
C ALA A 44 -7.36 4.54 -7.58
N LEU A 45 -6.67 4.70 -8.71
CA LEU A 45 -6.41 6.01 -9.27
C LEU A 45 -6.86 6.09 -10.73
N SER A 46 -7.96 6.78 -10.97
CA SER A 46 -8.49 6.93 -12.32
C SER A 46 -8.19 8.31 -12.87
N GLU A 47 -8.24 8.43 -14.21
CA GLU A 47 -7.97 9.70 -14.87
C GLU A 47 -9.22 10.55 -14.94
N SER A 1 11.66 13.91 -10.90
CA SER A 1 12.28 13.32 -9.73
C SER A 1 12.09 11.80 -9.70
N HIS A 2 13.05 11.10 -9.11
CA HIS A 2 12.99 9.65 -9.02
C HIS A 2 12.43 9.21 -7.66
N ILE A 3 12.65 10.04 -6.65
CA ILE A 3 12.17 9.73 -5.30
C ILE A 3 10.67 9.46 -5.30
N ARG A 4 9.97 10.06 -6.26
CA ARG A 4 8.52 9.87 -6.37
C ARG A 4 8.17 8.40 -6.43
N GLY A 5 7.22 7.98 -5.59
CA GLY A 5 6.81 6.59 -5.57
C GLY A 5 6.12 6.22 -4.26
N LEU A 6 6.77 6.53 -3.14
CA LEU A 6 6.21 6.22 -1.83
C LEU A 6 6.08 4.71 -1.64
N MET A 7 6.96 4.15 -0.82
CA MET A 7 6.94 2.72 -0.55
C MET A 7 6.49 2.45 0.89
N CYS A 8 6.32 1.16 1.21
CA CYS A 8 5.91 0.79 2.56
C CYS A 8 6.88 1.41 3.56
N LEU A 9 6.44 1.45 4.81
CA LEU A 9 7.25 2.01 5.89
C LEU A 9 8.43 1.10 6.21
N GLU A 10 8.13 -0.17 6.50
CA GLU A 10 9.17 -1.14 6.82
C GLU A 10 9.78 -1.74 5.56
N HIS A 11 8.93 -1.96 4.55
CA HIS A 11 9.37 -2.53 3.29
C HIS A 11 9.82 -1.43 2.33
N GLU A 12 10.88 -0.72 2.70
CA GLU A 12 11.41 0.35 1.86
C GLU A 12 11.76 -0.16 0.47
N ASP A 13 12.03 -1.46 0.37
CA ASP A 13 12.38 -2.08 -0.90
C ASP A 13 11.15 -2.69 -1.56
N GLU A 14 10.00 -2.05 -1.38
CA GLU A 14 8.75 -2.54 -1.96
C GLU A 14 7.77 -1.39 -2.15
N LYS A 15 7.61 -0.95 -3.40
CA LYS A 15 6.71 0.14 -3.72
C LYS A 15 5.29 -0.17 -3.24
N VAL A 16 4.53 0.87 -2.94
CA VAL A 16 3.15 0.70 -2.47
C VAL A 16 2.26 0.19 -3.59
N ASN A 17 1.02 -0.15 -3.24
CA ASN A 17 0.05 -0.65 -4.21
C ASN A 17 -1.27 0.10 -4.12
N MET A 18 -1.74 0.30 -2.89
CA MET A 18 -2.99 1.01 -2.65
C MET A 18 -3.05 1.56 -1.24
N TYR A 19 -4.22 2.04 -0.84
CA TYR A 19 -4.41 2.61 0.49
C TYR A 19 -5.55 1.90 1.22
N CYS A 20 -5.27 1.46 2.45
CA CYS A 20 -6.28 0.77 3.23
C CYS A 20 -7.11 1.82 3.97
N VAL A 21 -8.33 2.01 3.49
CA VAL A 21 -9.25 2.96 4.09
C VAL A 21 -9.82 2.44 5.40
N THR A 22 -10.14 1.15 5.44
CA THR A 22 -10.69 0.54 6.64
C THR A 22 -9.83 0.84 7.86
N ASP A 23 -8.52 0.84 7.67
CA ASP A 23 -7.58 1.12 8.76
C ASP A 23 -6.96 2.50 8.60
N ASP A 24 -7.18 3.12 7.45
CA ASP A 24 -6.65 4.44 7.17
C ASP A 24 -5.12 4.42 7.19
N GLN A 25 -4.54 3.54 6.39
CA GLN A 25 -3.08 3.42 6.32
C GLN A 25 -2.65 2.79 5.00
N LEU A 26 -1.74 3.45 4.30
CA LEU A 26 -1.24 2.96 3.02
C LEU A 26 -0.79 1.50 3.15
N ILE A 27 -0.85 0.78 2.04
CA ILE A 27 -0.45 -0.63 2.02
C ILE A 27 0.17 -1.01 0.68
N CYS A 28 1.19 -1.85 0.71
CA CYS A 28 1.85 -2.28 -0.50
C CYS A 28 1.33 -3.67 -0.87
N ALA A 29 1.92 -4.24 -1.92
CA ALA A 29 1.54 -5.57 -2.38
C ALA A 29 2.01 -6.64 -1.41
N LEU A 30 3.22 -6.49 -0.90
CA LEU A 30 3.78 -7.45 0.05
C LEU A 30 2.90 -7.59 1.28
N CYS A 31 2.13 -6.55 1.57
CA CYS A 31 1.24 -6.57 2.72
C CYS A 31 -0.03 -7.32 2.32
N LYS A 32 -0.41 -7.17 1.07
CA LYS A 32 -1.60 -7.83 0.53
C LYS A 32 -1.33 -9.31 0.28
N LEU A 33 -0.06 -9.69 0.25
CA LEU A 33 0.32 -11.07 0.02
C LEU A 33 0.81 -11.73 1.30
N VAL A 34 1.66 -11.02 2.04
CA VAL A 34 2.19 -11.53 3.30
C VAL A 34 1.29 -11.14 4.47
N GLY A 35 0.83 -9.90 4.48
CA GLY A 35 -0.03 -9.42 5.54
C GLY A 35 -1.43 -10.00 5.45
N ARG A 36 -2.42 -9.24 5.91
CA ARG A 36 -3.80 -9.68 5.89
C ARG A 36 -4.72 -8.58 5.35
N HIS A 37 -4.13 -7.66 4.58
CA HIS A 37 -4.89 -6.56 4.00
C HIS A 37 -5.43 -6.94 2.63
N ARG A 38 -6.04 -8.12 2.54
CA ARG A 38 -6.61 -8.60 1.28
C ARG A 38 -8.08 -8.25 1.18
N ASP A 39 -8.84 -8.54 2.22
CA ASP A 39 -10.26 -8.26 2.25
C ASP A 39 -10.52 -6.80 2.63
N HIS A 40 -9.44 -6.06 2.87
CA HIS A 40 -9.55 -4.66 3.25
C HIS A 40 -9.80 -3.78 2.02
N GLN A 41 -10.91 -3.07 2.04
CA GLN A 41 -11.27 -2.19 0.93
C GLN A 41 -10.20 -1.13 0.70
N VAL A 42 -10.10 -0.63 -0.53
CA VAL A 42 -9.12 0.38 -0.88
C VAL A 42 -9.65 1.31 -1.97
N ALA A 43 -8.78 2.18 -2.46
CA ALA A 43 -9.16 3.13 -3.50
C ALA A 43 -8.18 3.08 -4.68
N ALA A 44 -8.64 2.50 -5.78
CA ALA A 44 -7.82 2.38 -6.98
C ALA A 44 -7.87 3.66 -7.81
N LEU A 45 -6.70 4.17 -8.20
CA LEU A 45 -6.61 5.38 -9.00
C LEU A 45 -6.95 5.09 -10.46
N SER A 46 -7.08 6.15 -11.25
CA SER A 46 -7.40 6.00 -12.67
C SER A 46 -7.38 7.37 -13.37
N GLU A 47 -6.43 7.55 -14.29
CA GLU A 47 -6.31 8.79 -15.02
C GLU A 47 -7.19 8.78 -16.28
N SER A 1 14.97 17.32 -7.40
CA SER A 1 15.12 16.37 -8.50
C SER A 1 13.99 15.35 -8.52
N HIS A 2 13.59 14.90 -7.34
CA HIS A 2 12.51 13.93 -7.21
C HIS A 2 11.41 14.45 -6.30
N ILE A 3 10.18 14.04 -6.57
CA ILE A 3 9.04 14.46 -5.77
C ILE A 3 8.33 13.27 -5.13
N ARG A 4 7.81 12.37 -5.97
CA ARG A 4 7.12 11.19 -5.48
C ARG A 4 8.10 10.25 -4.77
N GLY A 5 7.55 9.30 -4.02
CA GLY A 5 8.37 8.35 -3.29
C GLY A 5 7.82 8.03 -1.92
N LEU A 6 6.84 7.14 -1.88
CA LEU A 6 6.22 6.74 -0.62
C LEU A 6 6.09 5.22 -0.53
N MET A 7 7.20 4.56 -0.22
CA MET A 7 7.21 3.11 -0.10
C MET A 7 6.65 2.67 1.24
N CYS A 8 6.74 1.37 1.53
CA CYS A 8 6.24 0.85 2.79
C CYS A 8 7.24 1.20 3.88
N LEU A 9 6.75 1.12 5.13
CA LEU A 9 7.59 1.42 6.28
C LEU A 9 8.62 0.32 6.51
N GLU A 10 8.16 -0.93 6.54
CA GLU A 10 9.04 -2.07 6.75
C GLU A 10 9.69 -2.51 5.44
N HIS A 11 8.90 -2.46 4.36
CA HIS A 11 9.39 -2.85 3.05
C HIS A 11 10.03 -1.67 2.33
N GLU A 12 11.34 -1.72 2.16
CA GLU A 12 12.06 -0.64 1.48
C GLU A 12 12.16 -0.91 -0.02
N ASP A 13 12.25 -2.18 -0.38
CA ASP A 13 12.35 -2.58 -1.78
C ASP A 13 10.98 -2.93 -2.34
N GLU A 14 9.95 -2.21 -1.88
CA GLU A 14 8.58 -2.45 -2.34
C GLU A 14 7.74 -1.19 -2.18
N LYS A 15 7.44 -0.54 -3.31
CA LYS A 15 6.64 0.67 -3.30
C LYS A 15 5.17 0.36 -3.00
N VAL A 16 4.48 1.30 -2.37
CA VAL A 16 3.08 1.13 -2.03
C VAL A 16 2.28 0.69 -3.25
N ASN A 17 1.02 0.29 -3.01
CA ASN A 17 0.15 -0.15 -4.08
C ASN A 17 -1.18 0.60 -4.04
N MET A 18 -1.68 0.84 -2.84
CA MET A 18 -2.94 1.54 -2.65
C MET A 18 -3.10 2.02 -1.20
N TYR A 19 -4.30 2.49 -0.88
CA TYR A 19 -4.58 2.98 0.47
C TYR A 19 -5.69 2.15 1.13
N CYS A 20 -5.41 1.66 2.33
CA CYS A 20 -6.38 0.86 3.05
C CYS A 20 -7.36 1.81 3.75
N VAL A 21 -8.58 1.84 3.22
CA VAL A 21 -9.63 2.70 3.77
C VAL A 21 -10.16 2.14 5.09
N THR A 22 -10.06 0.82 5.24
CA THR A 22 -10.54 0.16 6.46
C THR A 22 -9.76 0.63 7.68
N ASP A 23 -8.44 0.49 7.62
CA ASP A 23 -7.59 0.91 8.72
C ASP A 23 -7.15 2.37 8.56
N ASP A 24 -7.40 2.92 7.37
CA ASP A 24 -7.03 4.30 7.09
C ASP A 24 -5.52 4.49 7.14
N GLN A 25 -4.80 3.67 6.37
CA GLN A 25 -3.35 3.74 6.33
C GLN A 25 -2.81 3.13 5.04
N LEU A 26 -2.00 3.90 4.31
CA LEU A 26 -1.42 3.43 3.06
C LEU A 26 -0.73 2.09 3.25
N ILE A 27 -0.69 1.30 2.18
CA ILE A 27 -0.05 -0.01 2.23
C ILE A 27 0.52 -0.40 0.88
N CYS A 28 1.11 -1.58 0.80
CA CYS A 28 1.69 -2.05 -0.45
C CYS A 28 1.11 -3.43 -0.75
N ALA A 29 1.62 -4.03 -1.83
CA ALA A 29 1.17 -5.36 -2.24
C ALA A 29 1.71 -6.43 -1.31
N LEU A 30 2.95 -6.27 -0.86
CA LEU A 30 3.58 -7.22 0.04
C LEU A 30 2.76 -7.38 1.33
N CYS A 31 2.04 -6.33 1.69
CA CYS A 31 1.24 -6.36 2.89
C CYS A 31 -0.08 -7.07 2.57
N LYS A 32 -0.53 -6.89 1.34
CA LYS A 32 -1.77 -7.50 0.88
C LYS A 32 -1.56 -8.98 0.56
N LEU A 33 -0.30 -9.39 0.45
CA LEU A 33 0.04 -10.77 0.17
C LEU A 33 0.58 -11.47 1.41
N VAL A 34 1.48 -10.80 2.11
CA VAL A 34 2.07 -11.35 3.32
C VAL A 34 1.24 -10.98 4.55
N GLY A 35 0.81 -9.74 4.62
CA GLY A 35 0.02 -9.28 5.75
C GLY A 35 -1.40 -9.81 5.70
N ARG A 36 -2.35 -9.02 6.19
CA ARG A 36 -3.74 -9.42 6.22
C ARG A 36 -4.63 -8.35 5.58
N HIS A 37 -4.04 -7.55 4.70
CA HIS A 37 -4.78 -6.49 4.01
C HIS A 37 -5.30 -6.98 2.66
N ARG A 38 -5.78 -8.22 2.63
CA ARG A 38 -6.31 -8.81 1.41
C ARG A 38 -7.79 -8.47 1.24
N ASP A 39 -8.55 -8.63 2.33
CA ASP A 39 -9.98 -8.35 2.30
C ASP A 39 -10.25 -6.90 2.66
N HIS A 40 -9.19 -6.12 2.82
CA HIS A 40 -9.31 -4.71 3.16
C HIS A 40 -9.62 -3.87 1.93
N GLN A 41 -10.76 -3.18 1.96
CA GLN A 41 -11.18 -2.34 0.83
C GLN A 41 -10.15 -1.26 0.56
N VAL A 42 -9.96 -0.93 -0.72
CA VAL A 42 -9.00 0.09 -1.11
C VAL A 42 -9.54 0.94 -2.26
N ALA A 43 -8.70 1.83 -2.78
CA ALA A 43 -9.10 2.69 -3.88
C ALA A 43 -8.27 2.43 -5.13
N ALA A 44 -8.86 1.72 -6.08
CA ALA A 44 -8.17 1.39 -7.32
C ALA A 44 -8.38 2.48 -8.37
N LEU A 45 -7.45 3.43 -8.44
CA LEU A 45 -7.54 4.53 -9.39
C LEU A 45 -8.78 5.38 -9.12
N SER A 46 -8.94 6.44 -9.91
CA SER A 46 -10.08 7.34 -9.77
C SER A 46 -11.31 6.78 -10.47
N GLU A 47 -12.41 6.69 -9.75
CA GLU A 47 -13.65 6.18 -10.32
C GLU A 47 -14.78 6.20 -9.28
N SER A 1 17.74 17.70 -5.42
CA SER A 1 17.20 16.35 -5.49
C SER A 1 15.68 16.36 -5.47
N HIS A 2 15.08 15.47 -6.25
CA HIS A 2 13.62 15.37 -6.32
C HIS A 2 13.17 13.91 -6.28
N ILE A 3 12.91 13.42 -5.06
CA ILE A 3 12.47 12.04 -4.89
C ILE A 3 11.12 11.99 -4.17
N ARG A 4 10.05 11.91 -4.95
CA ARG A 4 8.71 11.84 -4.39
C ARG A 4 8.22 10.41 -4.32
N GLY A 5 9.12 9.49 -3.99
CA GLY A 5 8.76 8.09 -3.89
C GLY A 5 8.07 7.76 -2.58
N LEU A 6 7.06 6.89 -2.65
CA LEU A 6 6.31 6.50 -1.46
C LEU A 6 6.22 4.97 -1.36
N MET A 7 7.07 4.40 -0.52
CA MET A 7 7.09 2.95 -0.32
C MET A 7 6.52 2.58 1.05
N CYS A 8 6.61 1.31 1.40
CA CYS A 8 6.10 0.84 2.68
C CYS A 8 7.09 1.27 3.78
N LEU A 9 6.60 1.27 5.00
CA LEU A 9 7.41 1.65 6.15
C LEU A 9 8.46 0.60 6.45
N GLU A 10 8.02 -0.65 6.57
CA GLU A 10 8.93 -1.76 6.85
C GLU A 10 9.57 -2.28 5.57
N HIS A 11 8.81 -2.26 4.48
CA HIS A 11 9.31 -2.73 3.19
C HIS A 11 9.85 -1.57 2.36
N GLU A 12 11.16 -1.34 2.47
CA GLU A 12 11.80 -0.25 1.73
C GLU A 12 12.08 -0.67 0.29
N ASP A 13 12.18 -1.97 0.07
CA ASP A 13 12.45 -2.50 -1.27
C ASP A 13 11.15 -2.89 -1.97
N GLU A 14 10.09 -2.13 -1.71
CA GLU A 14 8.79 -2.39 -2.32
C GLU A 14 7.90 -1.16 -2.25
N LYS A 15 7.59 -0.58 -3.41
CA LYS A 15 6.75 0.60 -3.49
C LYS A 15 5.30 0.26 -3.18
N VAL A 16 4.60 1.19 -2.55
CA VAL A 16 3.20 0.98 -2.20
C VAL A 16 2.39 0.55 -3.42
N ASN A 17 1.14 0.16 -3.18
CA ASN A 17 0.26 -0.28 -4.26
C ASN A 17 -1.10 0.39 -4.16
N MET A 18 -1.59 0.56 -2.94
CA MET A 18 -2.89 1.18 -2.70
C MET A 18 -2.99 1.72 -1.28
N TYR A 19 -4.19 2.13 -0.89
CA TYR A 19 -4.41 2.66 0.45
C TYR A 19 -5.59 1.97 1.12
N CYS A 20 -5.36 1.47 2.33
CA CYS A 20 -6.42 0.80 3.07
C CYS A 20 -7.27 1.84 3.78
N VAL A 21 -8.50 2.00 3.29
CA VAL A 21 -9.43 2.97 3.85
C VAL A 21 -10.00 2.46 5.17
N THR A 22 -10.35 1.18 5.21
CA THR A 22 -10.91 0.58 6.41
C THR A 22 -10.03 0.86 7.63
N ASP A 23 -8.73 0.71 7.46
CA ASP A 23 -7.78 0.95 8.55
C ASP A 23 -7.19 2.36 8.44
N ASP A 24 -7.36 2.99 7.29
CA ASP A 24 -6.85 4.34 7.07
C ASP A 24 -5.32 4.35 7.16
N GLN A 25 -4.67 3.53 6.35
CA GLN A 25 -3.22 3.46 6.34
C GLN A 25 -2.71 2.87 5.03
N LEU A 26 -1.90 3.66 4.31
CA LEU A 26 -1.34 3.22 3.04
C LEU A 26 -0.67 1.86 3.17
N ILE A 27 -0.70 1.07 2.10
CA ILE A 27 -0.09 -0.25 2.10
C ILE A 27 0.52 -0.57 0.74
N CYS A 28 1.10 -1.76 0.63
CA CYS A 28 1.71 -2.18 -0.63
C CYS A 28 1.13 -3.53 -1.00
N ALA A 29 1.66 -4.09 -2.09
CA ALA A 29 1.22 -5.39 -2.58
C ALA A 29 1.71 -6.52 -1.68
N LEU A 30 2.88 -6.33 -1.09
CA LEU A 30 3.46 -7.34 -0.20
C LEU A 30 2.68 -7.41 1.11
N CYS A 31 1.96 -6.35 1.42
CA CYS A 31 1.17 -6.31 2.65
C CYS A 31 -0.14 -7.06 2.41
N LYS A 32 -0.64 -6.93 1.18
CA LYS A 32 -1.89 -7.59 0.80
C LYS A 32 -1.66 -9.07 0.53
N LEU A 33 -0.39 -9.46 0.40
CA LEU A 33 -0.04 -10.85 0.14
C LEU A 33 0.54 -11.50 1.39
N VAL A 34 1.44 -10.79 2.07
CA VAL A 34 2.06 -11.29 3.28
C VAL A 34 1.25 -10.91 4.52
N GLY A 35 0.79 -9.67 4.55
CA GLY A 35 0.00 -9.19 5.67
C GLY A 35 -1.42 -9.73 5.66
N ARG A 36 -2.37 -8.88 6.06
CA ARG A 36 -3.77 -9.28 6.10
C ARG A 36 -4.65 -8.22 5.45
N HIS A 37 -4.05 -7.41 4.58
CA HIS A 37 -4.78 -6.36 3.89
C HIS A 37 -5.28 -6.83 2.53
N ARG A 38 -5.71 -8.08 2.47
CA ARG A 38 -6.21 -8.66 1.22
C ARG A 38 -7.73 -8.52 1.12
N ASP A 39 -8.41 -8.79 2.24
CA ASP A 39 -9.86 -8.69 2.29
C ASP A 39 -10.30 -7.32 2.79
N HIS A 40 -9.34 -6.42 2.96
CA HIS A 40 -9.63 -5.07 3.45
C HIS A 40 -10.16 -4.19 2.32
N GLN A 41 -10.53 -2.96 2.65
CA GLN A 41 -11.05 -2.02 1.67
C GLN A 41 -9.95 -1.11 1.15
N VAL A 42 -10.02 -0.77 -0.13
CA VAL A 42 -9.03 0.12 -0.74
C VAL A 42 -9.64 0.91 -1.88
N ALA A 43 -8.79 1.68 -2.57
CA ALA A 43 -9.25 2.50 -3.69
C ALA A 43 -8.20 2.53 -4.80
N ALA A 44 -8.48 1.84 -5.89
CA ALA A 44 -7.58 1.79 -7.03
C ALA A 44 -7.64 3.08 -7.85
N LEU A 45 -6.49 3.58 -8.26
CA LEU A 45 -6.41 4.81 -9.03
C LEU A 45 -6.48 4.50 -10.54
N SER A 46 -6.76 5.54 -11.32
CA SER A 46 -6.85 5.37 -12.77
C SER A 46 -5.69 6.07 -13.48
N GLU A 47 -4.47 5.83 -12.98
CA GLU A 47 -3.28 6.43 -13.55
C GLU A 47 -2.21 5.38 -13.83
N SER A 1 8.83 10.06 7.32
CA SER A 1 9.27 11.37 7.78
C SER A 1 10.59 11.77 7.13
N HIS A 2 11.59 10.90 7.29
CA HIS A 2 12.91 11.16 6.72
C HIS A 2 13.30 10.06 5.74
N ILE A 3 12.32 9.60 4.96
CA ILE A 3 12.57 8.55 3.97
C ILE A 3 12.52 9.10 2.55
N ARG A 4 11.74 10.17 2.37
CA ARG A 4 11.61 10.79 1.06
C ARG A 4 11.18 9.77 0.00
N GLY A 5 9.88 9.62 -0.18
CA GLY A 5 9.37 8.67 -1.14
C GLY A 5 7.93 8.27 -0.88
N LEU A 6 7.51 7.15 -1.46
CA LEU A 6 6.15 6.67 -1.28
C LEU A 6 6.12 5.14 -1.22
N MET A 7 7.03 4.57 -0.43
CA MET A 7 7.10 3.12 -0.29
C MET A 7 6.54 2.68 1.06
N CYS A 8 6.67 1.39 1.36
CA CYS A 8 6.17 0.87 2.62
C CYS A 8 7.21 1.16 3.70
N LEU A 9 6.74 1.10 4.95
CA LEU A 9 7.60 1.36 6.11
C LEU A 9 8.50 0.16 6.37
N GLU A 10 7.92 -1.03 6.37
CA GLU A 10 8.68 -2.25 6.62
C GLU A 10 9.34 -2.76 5.34
N HIS A 11 8.66 -2.56 4.22
CA HIS A 11 9.20 -3.00 2.92
C HIS A 11 9.82 -1.83 2.18
N GLU A 12 11.04 -1.47 2.57
CA GLU A 12 11.76 -0.36 1.95
C GLU A 12 12.03 -0.66 0.47
N ASP A 13 12.20 -1.94 0.15
CA ASP A 13 12.47 -2.36 -1.22
C ASP A 13 11.17 -2.75 -1.93
N GLU A 14 10.08 -2.05 -1.59
CA GLU A 14 8.79 -2.34 -2.20
C GLU A 14 7.90 -1.09 -2.16
N LYS A 15 7.60 -0.55 -3.34
CA LYS A 15 6.76 0.64 -3.44
C LYS A 15 5.31 0.30 -3.15
N VAL A 16 4.60 1.23 -2.51
CA VAL A 16 3.20 1.03 -2.18
C VAL A 16 2.40 0.60 -3.40
N ASN A 17 1.15 0.20 -3.17
CA ASN A 17 0.27 -0.24 -4.25
C ASN A 17 -1.09 0.43 -4.16
N MET A 18 -1.58 0.60 -2.94
CA MET A 18 -2.88 1.23 -2.71
C MET A 18 -2.99 1.76 -1.29
N TYR A 19 -4.19 2.17 -0.90
CA TYR A 19 -4.42 2.71 0.44
C TYR A 19 -5.60 2.00 1.11
N CYS A 20 -5.38 1.50 2.32
CA CYS A 20 -6.42 0.82 3.05
C CYS A 20 -7.28 1.87 3.76
N VAL A 21 -8.50 2.02 3.27
CA VAL A 21 -9.45 2.98 3.83
C VAL A 21 -10.02 2.47 5.15
N THR A 22 -10.35 1.18 5.19
CA THR A 22 -10.91 0.58 6.40
C THR A 22 -10.04 0.87 7.61
N ASP A 23 -8.74 0.73 7.44
CA ASP A 23 -7.79 0.98 8.54
C ASP A 23 -7.21 2.39 8.43
N ASP A 24 -7.38 3.02 7.28
CA ASP A 24 -6.88 4.36 7.05
C ASP A 24 -5.36 4.40 7.15
N GLN A 25 -4.70 3.58 6.34
CA GLN A 25 -3.24 3.52 6.33
C GLN A 25 -2.72 2.93 5.03
N LEU A 26 -1.92 3.71 4.31
CA LEU A 26 -1.36 3.27 3.04
C LEU A 26 -0.67 1.92 3.19
N ILE A 27 -0.70 1.13 2.11
CA ILE A 27 -0.07 -0.18 2.12
C ILE A 27 0.53 -0.52 0.75
N CYS A 28 1.11 -1.70 0.65
CA CYS A 28 1.72 -2.13 -0.60
C CYS A 28 1.14 -3.50 -0.98
N ALA A 29 1.67 -4.05 -2.05
CA ALA A 29 1.23 -5.35 -2.54
C ALA A 29 1.72 -6.47 -1.63
N LEU A 30 2.91 -6.29 -1.05
CA LEU A 30 3.49 -7.28 -0.16
C LEU A 30 2.72 -7.35 1.16
N CYS A 31 1.99 -6.29 1.47
CA CYS A 31 1.21 -6.25 2.70
C CYS A 31 -0.10 -7.00 2.46
N LYS A 32 -0.61 -6.88 1.24
CA LYS A 32 -1.85 -7.55 0.85
C LYS A 32 -1.61 -9.03 0.60
N LEU A 33 -0.35 -9.41 0.45
CA LEU A 33 0.01 -10.80 0.20
C LEU A 33 0.60 -11.45 1.46
N VAL A 34 1.48 -10.72 2.12
CA VAL A 34 2.12 -11.23 3.34
C VAL A 34 1.30 -10.85 4.57
N GLY A 35 0.83 -9.60 4.60
CA GLY A 35 0.04 -9.14 5.74
C GLY A 35 -1.37 -9.67 5.71
N ARG A 36 -2.33 -8.84 6.11
CA ARG A 36 -3.73 -9.24 6.14
C ARG A 36 -4.60 -8.18 5.48
N HIS A 37 -4.01 -7.38 4.60
CA HIS A 37 -4.74 -6.33 3.90
C HIS A 37 -5.23 -6.82 2.54
N ARG A 38 -5.66 -8.07 2.48
CA ARG A 38 -6.14 -8.67 1.25
C ARG A 38 -7.66 -8.55 1.14
N ASP A 39 -8.34 -8.79 2.26
CA ASP A 39 -9.79 -8.71 2.29
C ASP A 39 -10.25 -7.35 2.80
N HIS A 40 -9.30 -6.43 2.96
CA HIS A 40 -9.59 -5.09 3.45
C HIS A 40 -10.13 -4.22 2.31
N GLN A 41 -10.50 -2.99 2.64
CA GLN A 41 -11.03 -2.05 1.66
C GLN A 41 -9.93 -1.13 1.14
N VAL A 42 -10.00 -0.80 -0.15
CA VAL A 42 -9.01 0.08 -0.76
C VAL A 42 -9.62 0.88 -1.92
N ALA A 43 -8.79 1.66 -2.60
CA ALA A 43 -9.25 2.47 -3.72
C ALA A 43 -8.28 2.37 -4.90
N ALA A 44 -8.78 1.88 -6.02
CA ALA A 44 -7.96 1.73 -7.22
C ALA A 44 -8.13 2.93 -8.15
N LEU A 45 -7.06 3.70 -8.31
CA LEU A 45 -7.09 4.89 -9.16
C LEU A 45 -7.06 4.48 -10.64
N SER A 46 -7.51 5.39 -11.50
CA SER A 46 -7.54 5.14 -12.93
C SER A 46 -6.67 6.14 -13.69
N GLU A 47 -6.06 5.69 -14.77
CA GLU A 47 -5.19 6.54 -15.57
C GLU A 47 -6.02 7.54 -16.38
N SER A 1 12.01 13.96 -1.35
CA SER A 1 12.94 15.03 -1.74
C SER A 1 14.13 14.47 -2.50
N HIS A 2 14.52 13.24 -2.16
CA HIS A 2 15.65 12.60 -2.81
C HIS A 2 15.17 11.60 -3.86
N ILE A 3 14.26 10.72 -3.46
CA ILE A 3 13.72 9.72 -4.38
C ILE A 3 12.20 9.78 -4.42
N ARG A 4 11.64 9.47 -5.58
CA ARG A 4 10.18 9.49 -5.76
C ARG A 4 9.65 8.08 -6.03
N GLY A 5 8.44 7.82 -5.54
CA GLY A 5 7.85 6.52 -5.73
C GLY A 5 6.95 6.11 -4.58
N LEU A 6 7.34 6.50 -3.37
CA LEU A 6 6.55 6.17 -2.18
C LEU A 6 6.49 4.66 -1.96
N MET A 7 7.24 4.18 -0.97
CA MET A 7 7.27 2.75 -0.66
C MET A 7 6.56 2.48 0.68
N CYS A 8 6.70 1.25 1.16
CA CYS A 8 6.07 0.87 2.42
C CYS A 8 6.95 1.40 3.56
N LEU A 9 6.35 1.49 4.74
CA LEU A 9 7.04 1.96 5.93
C LEU A 9 8.14 0.98 6.35
N GLU A 10 7.75 -0.28 6.55
CA GLU A 10 8.70 -1.31 6.95
C GLU A 10 9.41 -1.90 5.73
N HIS A 11 8.69 -1.97 4.61
CA HIS A 11 9.25 -2.51 3.38
C HIS A 11 9.79 -1.40 2.49
N GLU A 12 10.94 -0.86 2.87
CA GLU A 12 11.57 0.21 2.10
C GLU A 12 11.99 -0.27 0.72
N ASP A 13 12.24 -1.57 0.61
CA ASP A 13 12.65 -2.17 -0.66
C ASP A 13 11.45 -2.73 -1.41
N GLU A 14 10.31 -2.07 -1.27
CA GLU A 14 9.09 -2.51 -1.95
C GLU A 14 8.43 -1.35 -2.69
N LYS A 15 7.23 -1.60 -3.21
CA LYS A 15 6.49 -0.58 -3.95
C LYS A 15 5.02 -0.59 -3.55
N VAL A 16 4.54 0.56 -3.05
CA VAL A 16 3.15 0.69 -2.63
C VAL A 16 2.21 0.23 -3.74
N ASN A 17 0.95 0.01 -3.38
CA ASN A 17 -0.06 -0.44 -4.33
C ASN A 17 -1.34 0.38 -4.18
N MET A 18 -1.84 0.46 -2.95
CA MET A 18 -3.06 1.20 -2.67
C MET A 18 -3.09 1.67 -1.21
N TYR A 19 -4.24 2.18 -0.79
CA TYR A 19 -4.40 2.67 0.58
C TYR A 19 -5.61 2.04 1.25
N CYS A 20 -5.40 1.50 2.45
CA CYS A 20 -6.48 0.86 3.18
C CYS A 20 -7.26 1.96 3.92
N VAL A 21 -8.44 2.25 3.38
CA VAL A 21 -9.31 3.25 3.97
C VAL A 21 -9.95 2.76 5.26
N THR A 22 -10.09 1.44 5.37
CA THR A 22 -10.68 0.82 6.56
C THR A 22 -9.84 1.09 7.79
N ASP A 23 -8.57 0.72 7.73
CA ASP A 23 -7.65 0.92 8.85
C ASP A 23 -6.96 2.28 8.75
N ASP A 24 -7.13 2.93 7.61
CA ASP A 24 -6.52 4.24 7.39
C ASP A 24 -4.99 4.14 7.40
N GLN A 25 -4.46 3.32 6.51
CA GLN A 25 -3.02 3.13 6.42
C GLN A 25 -2.62 2.55 5.06
N LEU A 26 -1.69 3.22 4.39
CA LEU A 26 -1.22 2.77 3.07
C LEU A 26 -0.82 1.30 3.11
N ILE A 27 -0.92 0.64 1.97
CA ILE A 27 -0.57 -0.77 1.87
C ILE A 27 0.06 -1.09 0.53
N CYS A 28 1.04 -1.97 0.53
CA CYS A 28 1.71 -2.36 -0.71
C CYS A 28 1.27 -3.77 -1.08
N ALA A 29 1.89 -4.30 -2.13
CA ALA A 29 1.58 -5.65 -2.60
C ALA A 29 2.02 -6.70 -1.58
N LEU A 30 3.22 -6.53 -1.04
CA LEU A 30 3.76 -7.46 -0.05
C LEU A 30 2.87 -7.51 1.18
N CYS A 31 2.08 -6.47 1.37
CA CYS A 31 1.19 -6.40 2.52
C CYS A 31 -0.06 -7.23 2.22
N LYS A 32 -0.42 -7.25 0.95
CA LYS A 32 -1.59 -7.99 0.49
C LYS A 32 -1.28 -9.49 0.41
N LEU A 33 0.01 -9.82 0.42
CA LEU A 33 0.45 -11.21 0.33
C LEU A 33 0.93 -11.70 1.69
N VAL A 34 1.74 -10.88 2.35
CA VAL A 34 2.27 -11.24 3.67
C VAL A 34 1.34 -10.78 4.78
N GLY A 35 0.82 -9.56 4.65
CA GLY A 35 -0.08 -9.02 5.65
C GLY A 35 -1.48 -9.58 5.53
N ARG A 36 -2.47 -8.77 5.90
CA ARG A 36 -3.87 -9.20 5.84
C ARG A 36 -4.74 -8.11 5.21
N HIS A 37 -4.11 -7.25 4.40
CA HIS A 37 -4.83 -6.18 3.73
C HIS A 37 -5.26 -6.59 2.33
N ARG A 38 -5.67 -7.84 2.19
CA ARG A 38 -6.10 -8.35 0.89
C ARG A 38 -7.61 -8.23 0.73
N ASP A 39 -8.35 -8.66 1.75
CA ASP A 39 -9.81 -8.58 1.72
C ASP A 39 -10.31 -7.26 2.30
N HIS A 40 -9.37 -6.36 2.58
CA HIS A 40 -9.71 -5.06 3.13
C HIS A 40 -10.19 -4.11 2.04
N GLN A 41 -10.63 -2.92 2.44
CA GLN A 41 -11.12 -1.93 1.50
C GLN A 41 -10.02 -0.95 1.11
N VAL A 42 -10.08 -0.47 -0.12
CA VAL A 42 -9.08 0.48 -0.62
C VAL A 42 -9.68 1.41 -1.67
N ALA A 43 -8.84 2.26 -2.25
CA ALA A 43 -9.28 3.19 -3.28
C ALA A 43 -8.51 3.00 -4.58
N ALA A 44 -9.13 2.33 -5.54
CA ALA A 44 -8.51 2.08 -6.83
C ALA A 44 -8.29 3.37 -7.60
N LEU A 45 -7.21 3.43 -8.37
CA LEU A 45 -6.89 4.61 -9.16
C LEU A 45 -7.68 4.63 -10.47
N SER A 46 -8.42 5.70 -10.70
CA SER A 46 -9.22 5.85 -11.91
C SER A 46 -8.47 6.64 -12.96
N GLU A 47 -8.99 6.63 -14.19
CA GLU A 47 -8.37 7.35 -15.29
C GLU A 47 -9.14 8.62 -15.62
N SER A 1 13.73 12.10 -6.70
CA SER A 1 13.01 11.70 -7.90
C SER A 1 11.85 12.65 -8.17
N HIS A 2 11.32 12.59 -9.40
CA HIS A 2 10.20 13.45 -9.78
C HIS A 2 8.87 12.83 -9.34
N ILE A 3 8.58 11.65 -9.85
CA ILE A 3 7.34 10.96 -9.51
C ILE A 3 7.24 10.71 -8.00
N ARG A 4 6.08 11.02 -7.43
CA ARG A 4 5.85 10.83 -6.01
C ARG A 4 5.73 9.35 -5.66
N GLY A 5 5.42 9.06 -4.41
CA GLY A 5 5.28 7.68 -3.97
C GLY A 5 6.02 7.41 -2.68
N LEU A 6 5.32 6.80 -1.72
CA LEU A 6 5.91 6.48 -0.41
C LEU A 6 5.89 4.99 -0.16
N MET A 7 7.00 4.31 -0.47
CA MET A 7 7.10 2.88 -0.26
C MET A 7 6.72 2.50 1.17
N CYS A 8 6.48 1.22 1.39
CA CYS A 8 6.11 0.75 2.71
C CYS A 8 7.19 1.20 3.71
N LEU A 9 6.81 1.20 4.98
CA LEU A 9 7.72 1.61 6.05
C LEU A 9 8.86 0.60 6.21
N GLU A 10 8.50 -0.66 6.41
CA GLU A 10 9.49 -1.72 6.58
C GLU A 10 9.97 -2.24 5.22
N HIS A 11 9.06 -2.27 4.26
CA HIS A 11 9.39 -2.75 2.92
C HIS A 11 9.78 -1.59 2.01
N GLU A 12 10.86 -0.91 2.37
CA GLU A 12 11.34 0.23 1.58
C GLU A 12 11.63 -0.18 0.15
N ASP A 13 11.89 -1.47 -0.05
CA ASP A 13 12.19 -2.00 -1.38
C ASP A 13 10.93 -2.57 -2.03
N GLU A 14 9.79 -1.94 -1.75
CA GLU A 14 8.53 -2.38 -2.31
C GLU A 14 7.55 -1.22 -2.46
N LYS A 15 7.60 -0.56 -3.61
CA LYS A 15 6.73 0.59 -3.89
C LYS A 15 5.28 0.23 -3.62
N VAL A 16 4.64 0.96 -2.71
CA VAL A 16 3.25 0.73 -2.38
C VAL A 16 2.38 0.69 -3.63
N ASN A 17 1.16 0.16 -3.49
CA ASN A 17 0.24 0.05 -4.61
C ASN A 17 -1.02 0.88 -4.34
N MET A 18 -1.46 0.89 -3.09
CA MET A 18 -2.66 1.64 -2.70
C MET A 18 -2.70 1.85 -1.19
N TYR A 19 -3.84 2.30 -0.69
CA TYR A 19 -4.02 2.54 0.74
C TYR A 19 -5.33 1.94 1.24
N CYS A 20 -5.28 1.33 2.41
CA CYS A 20 -6.46 0.71 2.98
C CYS A 20 -7.36 1.82 3.51
N VAL A 21 -8.55 1.92 2.91
CA VAL A 21 -9.53 2.92 3.30
C VAL A 21 -10.19 2.57 4.62
N THR A 22 -10.46 1.28 4.81
CA THR A 22 -11.09 0.80 6.03
C THR A 22 -10.25 1.12 7.26
N ASP A 23 -8.99 0.72 7.22
CA ASP A 23 -8.08 0.98 8.33
C ASP A 23 -7.43 2.35 8.20
N ASP A 24 -7.61 2.98 7.04
CA ASP A 24 -7.04 4.29 6.79
C ASP A 24 -5.52 4.28 6.96
N GLN A 25 -4.88 3.31 6.31
CA GLN A 25 -3.43 3.19 6.40
C GLN A 25 -2.85 2.62 5.11
N LEU A 26 -1.87 3.31 4.54
CA LEU A 26 -1.23 2.89 3.31
C LEU A 26 -0.79 1.43 3.40
N ILE A 27 -0.76 0.75 2.27
CA ILE A 27 -0.36 -0.65 2.23
C ILE A 27 0.15 -1.04 0.85
N CYS A 28 1.18 -1.88 0.81
CA CYS A 28 1.74 -2.32 -0.45
C CYS A 28 1.15 -3.69 -0.81
N ALA A 29 1.67 -4.25 -1.89
CA ALA A 29 1.21 -5.56 -2.35
C ALA A 29 1.69 -6.67 -1.43
N LEU A 30 2.88 -6.49 -0.88
CA LEU A 30 3.47 -7.48 0.02
C LEU A 30 2.67 -7.57 1.32
N CYS A 31 1.98 -6.49 1.65
CA CYS A 31 1.18 -6.47 2.87
C CYS A 31 -0.15 -7.17 2.59
N LYS A 32 -0.59 -7.05 1.35
CA LYS A 32 -1.84 -7.67 0.91
C LYS A 32 -1.67 -9.17 0.69
N LEU A 33 -0.41 -9.60 0.58
CA LEU A 33 -0.11 -11.01 0.37
C LEU A 33 0.44 -11.64 1.64
N VAL A 34 1.35 -10.95 2.30
CA VAL A 34 1.96 -11.45 3.53
C VAL A 34 1.16 -11.00 4.75
N GLY A 35 0.75 -9.73 4.74
CA GLY A 35 -0.02 -9.19 5.85
C GLY A 35 -1.44 -9.73 5.89
N ARG A 36 -2.37 -8.91 6.35
CA ARG A 36 -3.78 -9.31 6.45
C ARG A 36 -4.68 -8.30 5.74
N HIS A 37 -4.10 -7.53 4.82
CA HIS A 37 -4.85 -6.52 4.08
C HIS A 37 -5.30 -7.07 2.73
N ARG A 38 -5.72 -8.33 2.72
CA ARG A 38 -6.18 -8.98 1.50
C ARG A 38 -7.69 -8.86 1.36
N ASP A 39 -8.40 -9.05 2.47
CA ASP A 39 -9.86 -8.96 2.48
C ASP A 39 -10.32 -7.56 2.86
N HIS A 40 -9.37 -6.64 2.97
CA HIS A 40 -9.68 -5.27 3.34
C HIS A 40 -10.12 -4.46 2.11
N GLN A 41 -10.33 -3.16 2.30
CA GLN A 41 -10.75 -2.29 1.20
C GLN A 41 -9.70 -1.22 0.93
N VAL A 42 -9.57 -0.83 -0.33
CA VAL A 42 -8.60 0.19 -0.72
C VAL A 42 -9.19 1.13 -1.76
N ALA A 43 -8.35 2.02 -2.29
CA ALA A 43 -8.78 2.98 -3.30
C ALA A 43 -8.28 2.59 -4.68
N ALA A 44 -8.43 3.51 -5.64
CA ALA A 44 -7.98 3.26 -7.01
C ALA A 44 -7.69 4.57 -7.73
N LEU A 45 -6.68 4.55 -8.59
CA LEU A 45 -6.29 5.73 -9.34
C LEU A 45 -7.37 6.11 -10.35
N SER A 46 -7.22 7.28 -10.95
CA SER A 46 -8.18 7.77 -11.94
C SER A 46 -7.53 8.77 -12.88
N GLU A 47 -7.98 8.76 -14.14
CA GLU A 47 -7.44 9.67 -15.15
C GLU A 47 -5.92 9.52 -15.25
N SER A 1 11.17 16.99 -4.87
CA SER A 1 11.67 15.70 -5.32
C SER A 1 10.56 14.66 -5.33
N HIS A 2 10.03 14.35 -4.16
CA HIS A 2 8.96 13.37 -4.03
C HIS A 2 7.69 13.86 -4.73
N ILE A 3 7.06 12.96 -5.48
CA ILE A 3 5.84 13.29 -6.19
C ILE A 3 4.79 12.20 -6.05
N ARG A 4 4.22 12.08 -4.85
CA ARG A 4 3.21 11.07 -4.57
C ARG A 4 3.78 9.67 -4.72
N GLY A 5 4.21 9.09 -3.62
CA GLY A 5 4.78 7.76 -3.64
C GLY A 5 5.67 7.48 -2.44
N LEU A 6 5.07 6.94 -1.38
CA LEU A 6 5.82 6.63 -0.17
C LEU A 6 5.93 5.12 0.03
N MET A 7 7.11 4.58 -0.24
CA MET A 7 7.36 3.14 -0.09
C MET A 7 6.93 2.67 1.30
N CYS A 8 6.61 1.39 1.41
CA CYS A 8 6.19 0.82 2.68
C CYS A 8 7.28 1.12 3.71
N LEU A 9 6.91 0.95 4.97
CA LEU A 9 7.85 1.19 6.08
C LEU A 9 8.81 0.02 6.23
N GLU A 10 8.28 -1.19 6.23
CA GLU A 10 9.10 -2.39 6.37
C GLU A 10 9.66 -2.82 5.02
N HIS A 11 8.82 -2.78 3.99
CA HIS A 11 9.24 -3.17 2.64
C HIS A 11 9.78 -1.96 1.88
N GLU A 12 10.87 -1.40 2.39
CA GLU A 12 11.49 -0.23 1.75
C GLU A 12 11.76 -0.50 0.27
N ASP A 13 12.00 -1.77 -0.06
CA ASP A 13 12.27 -2.16 -1.44
C ASP A 13 10.99 -2.61 -2.13
N GLU A 14 9.88 -1.97 -1.80
CA GLU A 14 8.59 -2.30 -2.40
C GLU A 14 7.67 -1.08 -2.41
N LYS A 15 7.64 -0.39 -3.55
CA LYS A 15 6.80 0.79 -3.69
C LYS A 15 5.33 0.45 -3.47
N VAL A 16 4.68 1.18 -2.56
CA VAL A 16 3.27 0.96 -2.26
C VAL A 16 2.44 0.95 -3.53
N ASN A 17 1.22 0.42 -3.42
CA ASN A 17 0.31 0.36 -4.57
C ASN A 17 -0.97 1.15 -4.29
N MET A 18 -1.43 1.10 -3.05
CA MET A 18 -2.64 1.81 -2.66
C MET A 18 -2.70 2.00 -1.15
N TYR A 19 -3.86 2.42 -0.66
CA TYR A 19 -4.05 2.64 0.77
C TYR A 19 -5.35 1.99 1.26
N CYS A 20 -5.28 1.38 2.43
CA CYS A 20 -6.46 0.74 2.99
C CYS A 20 -7.41 1.82 3.48
N VAL A 21 -8.57 1.89 2.82
CA VAL A 21 -9.58 2.88 3.16
C VAL A 21 -10.30 2.49 4.45
N THR A 22 -10.38 1.19 4.71
CA THR A 22 -11.04 0.70 5.91
C THR A 22 -10.32 1.17 7.17
N ASP A 23 -9.04 0.86 7.26
CA ASP A 23 -8.25 1.26 8.42
C ASP A 23 -7.58 2.61 8.19
N ASP A 24 -7.75 3.15 6.98
CA ASP A 24 -7.17 4.44 6.63
C ASP A 24 -5.66 4.42 6.83
N GLN A 25 -5.00 3.42 6.27
CA GLN A 25 -3.55 3.29 6.39
C GLN A 25 -2.95 2.74 5.10
N LEU A 26 -1.96 3.44 4.57
CA LEU A 26 -1.29 3.02 3.34
C LEU A 26 -0.84 1.57 3.43
N ILE A 27 -0.79 0.89 2.29
CA ILE A 27 -0.37 -0.51 2.24
C ILE A 27 0.15 -0.87 0.86
N CYS A 28 1.18 -1.71 0.83
CA CYS A 28 1.76 -2.14 -0.44
C CYS A 28 1.17 -3.50 -0.80
N ALA A 29 1.69 -4.06 -1.88
CA ALA A 29 1.24 -5.36 -2.35
C ALA A 29 1.73 -6.48 -1.44
N LEU A 30 2.94 -6.32 -0.91
CA LEU A 30 3.52 -7.31 -0.02
C LEU A 30 2.72 -7.42 1.28
N CYS A 31 2.01 -6.36 1.62
CA CYS A 31 1.21 -6.34 2.83
C CYS A 31 -0.11 -7.06 2.53
N LYS A 32 -0.56 -6.91 1.29
CA LYS A 32 -1.80 -7.53 0.85
C LYS A 32 -1.62 -9.02 0.61
N LEU A 33 -0.37 -9.44 0.50
CA LEU A 33 -0.06 -10.85 0.28
C LEU A 33 0.48 -11.50 1.55
N VAL A 34 1.41 -10.82 2.21
CA VAL A 34 2.01 -11.32 3.45
C VAL A 34 1.21 -10.87 4.67
N GLY A 35 0.80 -9.61 4.67
CA GLY A 35 0.03 -9.07 5.78
C GLY A 35 -1.39 -9.62 5.82
N ARG A 36 -2.32 -8.82 6.32
CA ARG A 36 -3.71 -9.22 6.41
C ARG A 36 -4.63 -8.19 5.76
N HIS A 37 -4.05 -7.36 4.89
CA HIS A 37 -4.82 -6.32 4.21
C HIS A 37 -5.27 -6.81 2.83
N ARG A 38 -5.65 -8.07 2.74
CA ARG A 38 -6.10 -8.64 1.47
C ARG A 38 -7.61 -8.56 1.34
N ASP A 39 -8.33 -8.96 2.39
CA ASP A 39 -9.78 -8.91 2.39
C ASP A 39 -10.29 -7.53 2.77
N HIS A 40 -9.36 -6.61 2.98
CA HIS A 40 -9.72 -5.24 3.35
C HIS A 40 -10.13 -4.43 2.12
N GLN A 41 -10.39 -3.15 2.32
CA GLN A 41 -10.80 -2.27 1.23
C GLN A 41 -9.73 -1.21 0.96
N VAL A 42 -9.57 -0.86 -0.31
CA VAL A 42 -8.58 0.14 -0.70
C VAL A 42 -9.16 1.12 -1.71
N ALA A 43 -8.32 2.02 -2.22
CA ALA A 43 -8.75 3.01 -3.20
C ALA A 43 -8.19 2.68 -4.57
N ALA A 44 -8.83 1.75 -5.27
CA ALA A 44 -8.40 1.36 -6.60
C ALA A 44 -9.15 2.14 -7.67
N LEU A 45 -8.40 2.88 -8.49
CA LEU A 45 -9.00 3.68 -9.55
C LEU A 45 -9.99 4.69 -9.00
N SER A 46 -10.64 5.44 -9.88
CA SER A 46 -11.61 6.45 -9.47
C SER A 46 -12.49 6.86 -10.65
N GLU A 47 -13.75 6.44 -10.61
CA GLU A 47 -14.69 6.76 -11.68
C GLU A 47 -14.16 6.31 -13.03
N SER A 1 11.71 3.27 -12.81
CA SER A 1 11.89 4.61 -13.36
C SER A 1 11.52 5.67 -12.33
N HIS A 2 10.26 5.67 -11.92
CA HIS A 2 9.77 6.63 -10.93
C HIS A 2 9.75 6.02 -9.54
N ILE A 3 10.21 6.78 -8.55
CA ILE A 3 10.25 6.30 -7.17
C ILE A 3 9.70 7.36 -6.22
N ARG A 4 8.67 8.08 -6.66
CA ARG A 4 8.07 9.12 -5.85
C ARG A 4 7.05 8.53 -4.87
N GLY A 5 6.47 7.39 -5.24
CA GLY A 5 5.50 6.74 -4.39
C GLY A 5 6.07 6.37 -3.04
N LEU A 6 5.42 6.85 -1.98
CA LEU A 6 5.88 6.56 -0.62
C LEU A 6 5.92 5.06 -0.36
N MET A 7 7.12 4.48 -0.46
CA MET A 7 7.30 3.06 -0.24
C MET A 7 6.69 2.64 1.10
N CYS A 8 6.54 1.33 1.29
CA CYS A 8 5.98 0.82 2.53
C CYS A 8 6.90 1.23 3.68
N LEU A 9 6.35 1.17 4.89
CA LEU A 9 7.09 1.54 6.09
C LEU A 9 8.20 0.53 6.37
N GLU A 10 7.84 -0.75 6.42
CA GLU A 10 8.81 -1.81 6.68
C GLU A 10 9.51 -2.23 5.39
N HIS A 11 8.76 -2.21 4.29
CA HIS A 11 9.31 -2.59 3.00
C HIS A 11 9.85 -1.38 2.25
N GLU A 12 10.97 -0.83 2.74
CA GLU A 12 11.58 0.33 2.12
C GLU A 12 12.09 0.01 0.72
N ASP A 13 12.36 -1.27 0.48
CA ASP A 13 12.86 -1.72 -0.82
C ASP A 13 11.71 -2.22 -1.70
N GLU A 14 10.56 -1.58 -1.55
CA GLU A 14 9.38 -1.97 -2.33
C GLU A 14 8.60 -0.74 -2.78
N LYS A 15 7.40 -0.97 -3.31
CA LYS A 15 6.55 0.13 -3.79
C LYS A 15 5.09 -0.13 -3.43
N VAL A 16 4.47 0.86 -2.79
CA VAL A 16 3.06 0.74 -2.39
C VAL A 16 2.20 0.30 -3.57
N ASN A 17 0.96 -0.08 -3.28
CA ASN A 17 0.03 -0.52 -4.32
C ASN A 17 -1.28 0.25 -4.22
N MET A 18 -1.73 0.51 -3.00
CA MET A 18 -2.97 1.24 -2.77
C MET A 18 -3.05 1.75 -1.34
N TYR A 19 -4.22 2.28 -0.97
CA TYR A 19 -4.42 2.80 0.37
C TYR A 19 -5.51 2.02 1.11
N CYS A 20 -5.17 1.53 2.30
CA CYS A 20 -6.12 0.77 3.09
C CYS A 20 -7.01 1.75 3.85
N VAL A 21 -8.26 1.85 3.39
CA VAL A 21 -9.23 2.73 4.01
C VAL A 21 -9.75 2.17 5.32
N THR A 22 -10.00 0.85 5.33
CA THR A 22 -10.49 0.19 6.53
C THR A 22 -9.64 0.52 7.75
N ASP A 23 -8.34 0.69 7.52
CA ASP A 23 -7.41 1.01 8.60
C ASP A 23 -6.87 2.43 8.45
N ASP A 24 -7.15 3.04 7.30
CA ASP A 24 -6.70 4.39 7.02
C ASP A 24 -5.18 4.47 7.06
N GLN A 25 -4.52 3.63 6.25
CA GLN A 25 -3.06 3.60 6.20
C GLN A 25 -2.59 2.98 4.89
N LEU A 26 -1.74 3.71 4.17
CA LEU A 26 -1.20 3.23 2.90
C LEU A 26 -0.49 1.88 3.07
N ILE A 27 -0.53 1.06 2.04
CA ILE A 27 0.11 -0.25 2.07
C ILE A 27 0.57 -0.67 0.68
N CYS A 28 1.17 -1.86 0.61
CA CYS A 28 1.65 -2.37 -0.67
C CYS A 28 0.99 -3.73 -0.92
N ALA A 29 1.41 -4.35 -2.02
CA ALA A 29 0.88 -5.65 -2.40
C ALA A 29 1.41 -6.75 -1.48
N LEU A 30 2.63 -6.57 -1.01
CA LEU A 30 3.26 -7.56 -0.13
C LEU A 30 2.52 -7.63 1.21
N CYS A 31 1.85 -6.55 1.57
CA CYS A 31 1.11 -6.51 2.82
C CYS A 31 -0.24 -7.20 2.60
N LYS A 32 -0.78 -7.02 1.39
CA LYS A 32 -2.06 -7.62 1.04
C LYS A 32 -1.89 -9.10 0.72
N LEU A 33 -0.66 -9.53 0.54
CA LEU A 33 -0.37 -10.93 0.24
C LEU A 33 0.22 -11.64 1.47
N VAL A 34 1.17 -10.98 2.12
CA VAL A 34 1.81 -11.54 3.30
C VAL A 34 1.05 -11.15 4.57
N GLY A 35 0.65 -9.88 4.65
CA GLY A 35 -0.08 -9.41 5.81
C GLY A 35 -1.51 -9.92 5.85
N ARG A 36 -2.43 -9.07 6.29
CA ARG A 36 -3.83 -9.43 6.38
C ARG A 36 -4.71 -8.39 5.69
N HIS A 37 -4.12 -7.65 4.76
CA HIS A 37 -4.83 -6.62 4.02
C HIS A 37 -5.29 -7.14 2.66
N ARG A 38 -5.75 -8.39 2.64
CA ARG A 38 -6.21 -9.02 1.41
C ARG A 38 -7.68 -8.67 1.14
N ASP A 39 -8.47 -8.67 2.20
CA ASP A 39 -9.89 -8.36 2.08
C ASP A 39 -10.16 -6.90 2.45
N HIS A 40 -9.08 -6.15 2.67
CA HIS A 40 -9.21 -4.73 3.03
C HIS A 40 -9.46 -3.88 1.80
N GLN A 41 -10.58 -3.17 1.80
CA GLN A 41 -10.94 -2.31 0.68
C GLN A 41 -9.88 -1.24 0.45
N VAL A 42 -9.92 -0.61 -0.73
CA VAL A 42 -8.96 0.43 -1.07
C VAL A 42 -9.58 1.46 -2.01
N ALA A 43 -8.77 2.42 -2.45
CA ALA A 43 -9.24 3.47 -3.35
C ALA A 43 -8.72 3.23 -4.77
N ALA A 44 -8.70 1.98 -5.18
CA ALA A 44 -8.24 1.62 -6.52
C ALA A 44 -9.20 2.12 -7.59
N LEU A 45 -8.66 2.79 -8.61
CA LEU A 45 -9.48 3.32 -9.69
C LEU A 45 -9.94 2.20 -10.63
N SER A 46 -10.84 2.53 -11.54
CA SER A 46 -11.36 1.56 -12.49
C SER A 46 -10.69 1.70 -13.85
N GLU A 47 -11.02 0.80 -14.76
CA GLU A 47 -10.44 0.82 -16.10
C GLU A 47 -8.92 0.79 -16.04
N SER A 1 7.93 16.68 -7.38
CA SER A 1 8.95 16.29 -6.41
C SER A 1 8.44 15.13 -5.54
N HIS A 2 9.31 14.16 -5.31
CA HIS A 2 8.96 13.00 -4.49
C HIS A 2 9.54 13.12 -3.09
N ILE A 3 10.67 13.81 -2.99
CA ILE A 3 11.34 14.00 -1.70
C ILE A 3 11.97 12.71 -1.22
N ARG A 4 11.13 11.76 -0.82
CA ARG A 4 11.60 10.47 -0.33
C ARG A 4 11.07 9.33 -1.20
N GLY A 5 9.75 9.33 -1.42
CA GLY A 5 9.15 8.28 -2.23
C GLY A 5 7.89 7.72 -1.59
N LEU A 6 7.12 6.96 -2.36
CA LEU A 6 5.89 6.37 -1.87
C LEU A 6 6.04 4.86 -1.70
N MET A 7 6.78 4.46 -0.67
CA MET A 7 6.99 3.05 -0.40
C MET A 7 6.26 2.61 0.87
N CYS A 8 6.55 1.41 1.34
CA CYS A 8 5.92 0.90 2.54
C CYS A 8 6.75 1.32 3.75
N LEU A 9 6.12 1.26 4.92
CA LEU A 9 6.78 1.63 6.16
C LEU A 9 7.90 0.65 6.50
N GLU A 10 7.55 -0.64 6.53
CA GLU A 10 8.52 -1.67 6.84
C GLU A 10 9.30 -2.09 5.59
N HIS A 11 8.61 -2.10 4.46
CA HIS A 11 9.23 -2.47 3.19
C HIS A 11 9.79 -1.25 2.47
N GLU A 12 11.03 -0.91 2.77
CA GLU A 12 11.68 0.25 2.15
C GLU A 12 12.15 -0.08 0.73
N ASP A 13 12.40 -1.37 0.48
CA ASP A 13 12.86 -1.81 -0.82
C ASP A 13 11.68 -2.30 -1.67
N GLU A 14 10.53 -1.65 -1.50
CA GLU A 14 9.33 -2.01 -2.25
C GLU A 14 8.55 -0.77 -2.66
N LYS A 15 7.44 -0.99 -3.35
CA LYS A 15 6.59 0.12 -3.81
C LYS A 15 5.14 -0.13 -3.44
N VAL A 16 4.51 0.85 -2.80
CA VAL A 16 3.11 0.75 -2.39
C VAL A 16 2.24 0.31 -3.56
N ASN A 17 1.00 -0.07 -3.26
CA ASN A 17 0.06 -0.49 -4.29
C ASN A 17 -1.25 0.29 -4.19
N MET A 18 -1.69 0.54 -2.96
CA MET A 18 -2.92 1.28 -2.74
C MET A 18 -3.01 1.78 -1.29
N TYR A 19 -4.17 2.28 -0.91
CA TYR A 19 -4.37 2.79 0.45
C TYR A 19 -5.49 2.03 1.15
N CYS A 20 -5.19 1.52 2.34
CA CYS A 20 -6.18 0.78 3.10
C CYS A 20 -7.09 1.78 3.81
N VAL A 21 -8.33 1.86 3.32
CA VAL A 21 -9.32 2.77 3.88
C VAL A 21 -9.84 2.25 5.21
N THR A 22 -9.82 0.93 5.38
CA THR A 22 -10.30 0.31 6.61
C THR A 22 -9.47 0.75 7.81
N ASP A 23 -8.15 0.55 7.72
CA ASP A 23 -7.25 0.93 8.79
C ASP A 23 -6.74 2.35 8.60
N ASP A 24 -7.00 2.92 7.41
CA ASP A 24 -6.57 4.27 7.10
C ASP A 24 -5.05 4.38 7.12
N GLN A 25 -4.40 3.53 6.32
CA GLN A 25 -2.94 3.53 6.24
C GLN A 25 -2.47 2.91 4.93
N LEU A 26 -1.67 3.66 4.19
CA LEU A 26 -1.14 3.18 2.91
C LEU A 26 -0.47 1.82 3.06
N ILE A 27 -0.54 1.01 2.01
CA ILE A 27 0.06 -0.33 2.03
C ILE A 27 0.58 -0.71 0.65
N CYS A 28 1.14 -1.91 0.55
CA CYS A 28 1.67 -2.38 -0.71
C CYS A 28 1.05 -3.76 -1.00
N ALA A 29 1.52 -4.37 -2.09
CA ALA A 29 1.03 -5.67 -2.50
C ALA A 29 1.54 -6.76 -1.57
N LEU A 30 2.77 -6.59 -1.07
CA LEU A 30 3.38 -7.55 -0.18
C LEU A 30 2.61 -7.63 1.14
N CYS A 31 1.89 -6.56 1.46
CA CYS A 31 1.12 -6.53 2.69
C CYS A 31 -0.20 -7.27 2.46
N LYS A 32 -0.71 -7.12 1.24
CA LYS A 32 -1.96 -7.77 0.85
C LYS A 32 -1.74 -9.26 0.57
N LEU A 33 -0.48 -9.64 0.42
CA LEU A 33 -0.14 -11.04 0.14
C LEU A 33 0.45 -11.70 1.38
N VAL A 34 1.36 -11.01 2.06
CA VAL A 34 1.98 -11.53 3.26
C VAL A 34 1.19 -11.16 4.51
N GLY A 35 0.73 -9.91 4.56
CA GLY A 35 -0.04 -9.46 5.70
C GLY A 35 -1.47 -9.97 5.68
N ARG A 36 -2.40 -9.14 6.10
CA ARG A 36 -3.82 -9.53 6.14
C ARG A 36 -4.70 -8.43 5.52
N HIS A 37 -4.10 -7.63 4.65
CA HIS A 37 -4.83 -6.55 4.00
C HIS A 37 -5.38 -7.01 2.65
N ARG A 38 -5.90 -8.23 2.61
CA ARG A 38 -6.45 -8.79 1.38
C ARG A 38 -7.93 -8.45 1.26
N ASP A 39 -8.65 -8.51 2.38
CA ASP A 39 -10.07 -8.22 2.40
C ASP A 39 -10.31 -6.76 2.78
N HIS A 40 -9.24 -6.01 2.95
CA HIS A 40 -9.33 -4.60 3.32
C HIS A 40 -9.65 -3.74 2.10
N GLN A 41 -10.78 -3.04 2.15
CA GLN A 41 -11.19 -2.17 1.05
C GLN A 41 -10.15 -1.10 0.77
N VAL A 42 -9.97 -0.77 -0.49
CA VAL A 42 -9.01 0.25 -0.89
C VAL A 42 -9.56 1.15 -2.00
N ALA A 43 -8.71 2.02 -2.53
CA ALA A 43 -9.11 2.92 -3.59
C ALA A 43 -8.22 2.77 -4.82
N ALA A 44 -8.80 2.27 -5.91
CA ALA A 44 -8.05 2.08 -7.15
C ALA A 44 -7.73 3.42 -7.81
N LEU A 45 -6.64 3.43 -8.57
CA LEU A 45 -6.21 4.65 -9.26
C LEU A 45 -5.81 4.35 -10.70
N SER A 46 -6.15 5.26 -11.60
CA SER A 46 -5.83 5.10 -13.02
C SER A 46 -5.99 6.42 -13.77
N GLU A 47 -5.00 6.74 -14.61
CA GLU A 47 -5.03 7.97 -15.38
C GLU A 47 -5.65 7.74 -16.75
N SER A 1 16.09 16.44 -6.31
CA SER A 1 16.26 14.99 -6.43
C SER A 1 14.97 14.34 -6.94
N HIS A 2 15.12 13.25 -7.68
CA HIS A 2 13.98 12.53 -8.23
C HIS A 2 14.02 11.06 -7.84
N ILE A 3 14.42 10.79 -6.60
CA ILE A 3 14.51 9.41 -6.11
C ILE A 3 13.52 9.18 -4.97
N ARG A 4 13.19 10.25 -4.26
CA ARG A 4 12.25 10.16 -3.14
C ARG A 4 10.87 9.70 -3.62
N GLY A 5 10.37 8.63 -3.03
CA GLY A 5 9.07 8.10 -3.41
C GLY A 5 8.28 7.60 -2.21
N LEU A 6 7.19 6.89 -2.49
CA LEU A 6 6.34 6.36 -1.43
C LEU A 6 6.49 4.85 -1.32
N MET A 7 7.25 4.40 -0.32
CA MET A 7 7.47 2.98 -0.10
C MET A 7 6.76 2.50 1.17
N CYS A 8 7.03 1.27 1.56
CA CYS A 8 6.41 0.72 2.76
C CYS A 8 7.36 0.92 3.94
N LEU A 9 6.80 0.84 5.14
CA LEU A 9 7.58 1.01 6.36
C LEU A 9 8.62 -0.10 6.51
N GLU A 10 8.16 -1.34 6.46
CA GLU A 10 9.06 -2.49 6.59
C GLU A 10 9.66 -2.85 5.23
N HIS A 11 8.89 -2.65 4.18
CA HIS A 11 9.35 -2.97 2.82
C HIS A 11 9.92 -1.72 2.15
N GLU A 12 11.03 -1.23 2.68
CA GLU A 12 11.68 -0.04 2.13
C GLU A 12 12.09 -0.27 0.68
N ASP A 13 12.35 -1.52 0.33
CA ASP A 13 12.76 -1.88 -1.03
C ASP A 13 11.54 -2.28 -1.85
N GLU A 14 10.41 -1.64 -1.60
CA GLU A 14 9.18 -1.93 -2.33
C GLU A 14 8.48 -0.64 -2.75
N LYS A 15 7.39 -0.80 -3.50
CA LYS A 15 6.62 0.35 -3.97
C LYS A 15 5.13 0.15 -3.72
N VAL A 16 4.56 0.97 -2.83
CA VAL A 16 3.15 0.87 -2.50
C VAL A 16 2.29 0.89 -3.76
N ASN A 17 1.05 0.43 -3.63
CA ASN A 17 0.13 0.39 -4.76
C ASN A 17 -1.14 1.18 -4.44
N MET A 18 -1.61 1.06 -3.20
CA MET A 18 -2.82 1.77 -2.78
C MET A 18 -2.83 1.96 -1.27
N TYR A 19 -3.97 2.39 -0.74
CA TYR A 19 -4.11 2.62 0.70
C TYR A 19 -5.40 2.00 1.22
N CYS A 20 -5.31 1.39 2.39
CA CYS A 20 -6.48 0.76 2.99
C CYS A 20 -7.40 1.87 3.52
N VAL A 21 -8.58 1.95 2.92
CA VAL A 21 -9.57 2.95 3.31
C VAL A 21 -10.23 2.58 4.63
N THR A 22 -10.34 1.29 4.89
CA THR A 22 -10.96 0.79 6.12
C THR A 22 -10.17 1.25 7.34
N ASP A 23 -8.89 0.91 7.37
CA ASP A 23 -8.02 1.29 8.48
C ASP A 23 -7.36 2.63 8.23
N ASP A 24 -7.58 3.18 7.04
CA ASP A 24 -7.00 4.47 6.68
C ASP A 24 -5.48 4.44 6.81
N GLN A 25 -4.85 3.43 6.23
CA GLN A 25 -3.40 3.29 6.30
C GLN A 25 -2.86 2.72 4.99
N LEU A 26 -1.88 3.41 4.42
CA LEU A 26 -1.26 2.97 3.16
C LEU A 26 -0.83 1.51 3.26
N ILE A 27 -0.82 0.84 2.11
CA ILE A 27 -0.42 -0.57 2.06
C ILE A 27 0.05 -0.95 0.66
N CYS A 28 1.08 -1.80 0.60
CA CYS A 28 1.61 -2.23 -0.67
C CYS A 28 1.00 -3.59 -1.01
N ALA A 29 1.48 -4.16 -2.11
CA ALA A 29 1.00 -5.46 -2.56
C ALA A 29 1.50 -6.58 -1.66
N LEU A 30 2.71 -6.40 -1.12
CA LEU A 30 3.32 -7.39 -0.24
C LEU A 30 2.58 -7.45 1.09
N CYS A 31 1.89 -6.37 1.44
CA CYS A 31 1.16 -6.30 2.68
C CYS A 31 -0.17 -7.04 2.49
N LYS A 32 -0.70 -6.94 1.27
CA LYS A 32 -1.96 -7.58 0.93
C LYS A 32 -1.78 -9.07 0.71
N LEU A 33 -0.53 -9.49 0.54
CA LEU A 33 -0.21 -10.89 0.33
C LEU A 33 0.40 -11.52 1.59
N VAL A 34 1.35 -10.80 2.19
CA VAL A 34 2.01 -11.27 3.40
C VAL A 34 1.25 -10.82 4.65
N GLY A 35 0.83 -9.56 4.65
CA GLY A 35 0.10 -9.04 5.80
C GLY A 35 -1.32 -9.57 5.88
N ARG A 36 -2.24 -8.73 6.34
CA ARG A 36 -3.63 -9.13 6.47
C ARG A 36 -4.56 -8.11 5.82
N HIS A 37 -4.01 -7.34 4.89
CA HIS A 37 -4.79 -6.32 4.18
C HIS A 37 -5.22 -6.83 2.81
N ARG A 38 -5.61 -8.10 2.76
CA ARG A 38 -6.05 -8.70 1.50
C ARG A 38 -7.56 -8.62 1.36
N ASP A 39 -8.27 -9.00 2.41
CA ASP A 39 -9.73 -8.97 2.41
C ASP A 39 -10.25 -7.59 2.78
N HIS A 40 -9.32 -6.66 2.98
CA HIS A 40 -9.69 -5.29 3.34
C HIS A 40 -10.11 -4.50 2.11
N GLN A 41 -10.40 -3.21 2.31
CA GLN A 41 -10.81 -2.34 1.21
C GLN A 41 -9.75 -1.28 0.93
N VAL A 42 -9.69 -0.82 -0.32
CA VAL A 42 -8.73 0.20 -0.72
C VAL A 42 -9.34 1.16 -1.72
N ALA A 43 -8.52 2.08 -2.22
CA ALA A 43 -8.97 3.05 -3.21
C ALA A 43 -8.39 2.75 -4.59
N ALA A 44 -9.08 1.87 -5.32
CA ALA A 44 -8.64 1.49 -6.66
C ALA A 44 -8.95 2.59 -7.67
N LEU A 45 -7.96 2.94 -8.49
CA LEU A 45 -8.12 3.97 -9.50
C LEU A 45 -8.29 3.37 -10.88
N SER A 46 -9.03 4.07 -11.75
CA SER A 46 -9.27 3.59 -13.10
C SER A 46 -8.97 4.69 -14.12
N GLU A 47 -8.14 4.35 -15.11
CA GLU A 47 -7.78 5.31 -16.15
C GLU A 47 -7.92 4.68 -17.55
N SER A 1 3.25 17.29 0.92
CA SER A 1 3.05 15.93 0.46
C SER A 1 1.57 15.58 0.36
N HIS A 2 1.16 15.03 -0.77
CA HIS A 2 -0.23 14.65 -0.98
C HIS A 2 -0.34 13.50 -1.98
N ILE A 3 0.25 13.68 -3.16
CA ILE A 3 0.22 12.66 -4.19
C ILE A 3 1.60 12.04 -4.40
N ARG A 4 2.04 11.24 -3.43
CA ARG A 4 3.34 10.59 -3.51
C ARG A 4 3.23 9.11 -3.15
N GLY A 5 4.08 8.30 -3.77
CA GLY A 5 4.06 6.88 -3.51
C GLY A 5 5.10 6.46 -2.49
N LEU A 6 4.93 6.93 -1.26
CA LEU A 6 5.85 6.61 -0.18
C LEU A 6 5.95 5.09 0.02
N MET A 7 7.14 4.55 -0.22
CA MET A 7 7.37 3.12 -0.06
C MET A 7 6.92 2.65 1.31
N CYS A 8 6.60 1.36 1.40
CA CYS A 8 6.14 0.79 2.67
C CYS A 8 7.20 1.10 3.74
N LEU A 9 6.77 1.00 4.99
CA LEU A 9 7.65 1.25 6.12
C LEU A 9 8.65 0.11 6.31
N GLU A 10 8.14 -1.12 6.29
CA GLU A 10 8.97 -2.29 6.46
C GLU A 10 9.60 -2.72 5.13
N HIS A 11 8.79 -2.68 4.07
CA HIS A 11 9.25 -3.06 2.75
C HIS A 11 9.77 -1.84 1.99
N GLU A 12 10.83 -1.22 2.52
CA GLU A 12 11.42 -0.04 1.89
C GLU A 12 11.75 -0.31 0.43
N ASP A 13 12.05 -1.57 0.12
CA ASP A 13 12.39 -1.97 -1.24
C ASP A 13 11.15 -2.47 -1.98
N GLU A 14 10.00 -1.88 -1.69
CA GLU A 14 8.75 -2.27 -2.31
C GLU A 14 7.78 -1.10 -2.37
N LYS A 15 7.75 -0.42 -3.52
CA LYS A 15 6.86 0.73 -3.71
C LYS A 15 5.41 0.34 -3.46
N VAL A 16 4.70 1.15 -2.69
CA VAL A 16 3.31 0.90 -2.37
C VAL A 16 2.46 0.89 -3.64
N ASN A 17 1.24 0.38 -3.52
CA ASN A 17 0.32 0.32 -4.65
C ASN A 17 -0.95 1.11 -4.38
N MET A 18 -1.39 1.09 -3.12
CA MET A 18 -2.59 1.82 -2.73
C MET A 18 -2.64 2.00 -1.21
N TYR A 19 -3.80 2.42 -0.70
CA TYR A 19 -3.97 2.64 0.72
C TYR A 19 -5.27 2.00 1.21
N CYS A 20 -5.22 1.36 2.37
CA CYS A 20 -6.38 0.72 2.94
C CYS A 20 -7.33 1.81 3.44
N VAL A 21 -8.49 1.90 2.79
CA VAL A 21 -9.50 2.88 3.16
C VAL A 21 -10.22 2.49 4.45
N THR A 22 -10.30 1.18 4.69
CA THR A 22 -10.96 0.67 5.89
C THR A 22 -10.23 1.13 7.15
N ASP A 23 -8.94 0.80 7.23
CA ASP A 23 -8.13 1.18 8.38
C ASP A 23 -7.47 2.54 8.16
N ASP A 24 -7.64 3.09 6.97
CA ASP A 24 -7.07 4.38 6.63
C ASP A 24 -5.55 4.37 6.83
N GLN A 25 -4.90 3.37 6.25
CA GLN A 25 -3.44 3.24 6.36
C GLN A 25 -2.85 2.69 5.06
N LEU A 26 -1.86 3.40 4.53
CA LEU A 26 -1.20 2.98 3.30
C LEU A 26 -0.75 1.53 3.38
N ILE A 27 -0.72 0.86 2.23
CA ILE A 27 -0.30 -0.54 2.18
C ILE A 27 0.21 -0.90 0.78
N CYS A 28 1.24 -1.73 0.74
CA CYS A 28 1.81 -2.16 -0.53
C CYS A 28 1.19 -3.50 -0.91
N ALA A 29 1.69 -4.05 -2.01
CA ALA A 29 1.21 -5.33 -2.51
C ALA A 29 1.67 -6.49 -1.62
N LEU A 30 2.86 -6.33 -1.03
CA LEU A 30 3.42 -7.35 -0.16
C LEU A 30 2.63 -7.45 1.14
N CYS A 31 1.95 -6.36 1.49
CA CYS A 31 1.17 -6.33 2.71
C CYS A 31 -0.18 -7.00 2.43
N LYS A 32 -0.62 -6.86 1.18
CA LYS A 32 -1.89 -7.44 0.76
C LYS A 32 -1.75 -8.94 0.53
N LEU A 33 -0.51 -9.41 0.40
CA LEU A 33 -0.25 -10.83 0.19
C LEU A 33 0.31 -11.47 1.45
N VAL A 34 1.28 -10.80 2.08
CA VAL A 34 1.89 -11.31 3.30
C VAL A 34 1.14 -10.82 4.54
N GLY A 35 0.78 -9.54 4.54
CA GLY A 35 0.06 -8.98 5.65
C GLY A 35 -1.35 -9.53 5.80
N ARG A 36 -2.24 -8.75 6.39
CA ARG A 36 -3.62 -9.18 6.60
C ARG A 36 -4.58 -8.23 5.89
N HIS A 37 -4.07 -7.47 4.94
CA HIS A 37 -4.89 -6.52 4.20
C HIS A 37 -5.36 -7.12 2.88
N ARG A 38 -5.87 -8.35 2.94
CA ARG A 38 -6.35 -9.03 1.75
C ARG A 38 -7.85 -8.82 1.57
N ASP A 39 -8.61 -9.09 2.62
CA ASP A 39 -10.06 -8.92 2.58
C ASP A 39 -10.46 -7.50 2.95
N HIS A 40 -9.46 -6.63 3.09
CA HIS A 40 -9.70 -5.23 3.44
C HIS A 40 -10.13 -4.44 2.21
N GLN A 41 -10.31 -3.13 2.38
CA GLN A 41 -10.72 -2.26 1.29
C GLN A 41 -9.65 -1.21 1.01
N VAL A 42 -9.51 -0.85 -0.26
CA VAL A 42 -8.53 0.16 -0.68
C VAL A 42 -9.13 1.14 -1.67
N ALA A 43 -8.29 2.02 -2.19
CA ALA A 43 -8.72 3.03 -3.16
C ALA A 43 -8.19 2.72 -4.55
N ALA A 44 -8.84 1.79 -5.25
CA ALA A 44 -8.42 1.40 -6.58
C ALA A 44 -8.71 2.52 -7.59
N LEU A 45 -7.79 2.72 -8.52
CA LEU A 45 -7.93 3.75 -9.54
C LEU A 45 -9.16 3.49 -10.40
N SER A 46 -9.72 4.56 -10.96
CA SER A 46 -10.91 4.45 -11.80
C SER A 46 -11.04 5.67 -12.71
N GLU A 47 -10.77 5.47 -14.00
CA GLU A 47 -10.86 6.55 -14.98
C GLU A 47 -11.44 6.05 -16.29
#